data_8I8R
#
_entry.id   8I8R
#
_cell.length_a   1.00
_cell.length_b   1.00
_cell.length_c   1.00
_cell.angle_alpha   90.00
_cell.angle_beta   90.00
_cell.angle_gamma   90.00
#
_symmetry.space_group_name_H-M   'P 1'
#
loop_
_entity.id
_entity.type
_entity.pdbx_description
1 polymer 'Outer membrane porin C'
2 polymer 'Intermembrane phospholipid transport system lipoprotein MlaA'
3 non-polymer '(2~{R},4~{R},5~{R},6~{R})-6-[(1~{R})-1,2-bis(oxidanyl)ethyl]-2-[(2~{R},4~{R},5~{R},6~{R})-6-[(1~{R})-1,2-bis(oxidanyl)ethyl]-2-carboxy-2-[[(2~{R},3~{S},4~{R},5~{R},6~{R})-5-[[(3~{R})-3-dodecanoyloxytetradecanoyl]amino]-6-[[(2~{R},3~{S},4~{R},5~{R},6~{R})-3-oxidanyl-5-[[(3~{R})-3-oxidanyltetradecanoyl]amino]-4-[(3~{R})-3-oxidanyltetradecanoyl]oxy-6-phosphonooxy-oxan-2-yl]methoxy]-3-phosphonooxy-4-[(3~{R})-3-tetradecanoyloxytetradecanoyl]oxy-oxan-2-yl]methoxy]-5-oxidanyl-oxan-4-yl]oxy-4,5-bis(oxidanyl)oxane-2-carboxylic acid'
#
loop_
_entity_poly.entity_id
_entity_poly.type
_entity_poly.pdbx_seq_one_letter_code
_entity_poly.pdbx_strand_id
1 'polypeptide(L)'
;AEVYNKDGNKLDLYGKVDGLHYFSDNKDVDGDQTYMRLGFKGETQVTDQLTGYGQWEYQIQGNSAENENNSWTRVAFAGL
KFQDVGSFDYGRNYGVVYDVTSWTDVLPEFGGDTYGSDNFMQQRGNGFATYRNTDFFGLVDGLNFAVQYQGKNGNPSGEG
FTSGVTNNGRDALRQNGDGVGGSITYDYEGFGIGGAISSSKRTDAQNTAAYIGNGDRAETYTGGLKYDANNIYLAAQYTQ
TYNATRVGSLGWANKAQNFEAVAQYQFDFGLRPSLAYLQSKGKNLGRGYDDEDILKYVDVGATYYFNKNMSTYVDYKINL
LDDNQFTRDAGINTDNIVALGLVYQF
;
A,B,C
2 'polypeptide(L)'
;CASSGTDQQGRSDPLEGFNRTMYNFNFNVLDPYIVRPVAVAWRDYVPQPARNGLSNFTGNLEEPAVMVNYFLQGDPYQGM
VHFTRFFLNTILGMGGFIDVAGMANPKLQRTEPHRFGSTLGHYGVGYGPYVQLPFYGSFTLRDDGGDMADGFYPVLSWLT
WPMSVGKWTLEGIETRAQLLDSDGLLRCSSDPYIMVREAYFQRHDFIANGGELKPQENPNAQAIQDDLKDIDSE
;
D
#
# COMPACT_ATOMS: atom_id res chain seq x y z
N GLU A 2 -13.11 -17.44 2.78
CA GLU A 2 -11.68 -17.62 2.88
C GLU A 2 -11.21 -17.58 4.32
N VAL A 3 -11.37 -16.41 4.96
CA VAL A 3 -10.97 -16.22 6.35
C VAL A 3 -12.13 -16.37 7.33
N TYR A 4 -13.36 -16.36 6.85
CA TYR A 4 -14.53 -16.49 7.72
C TYR A 4 -15.68 -17.05 6.92
N ASN A 5 -16.26 -18.16 7.39
CA ASN A 5 -17.40 -18.78 6.71
C ASN A 5 -18.24 -19.47 7.77
N LYS A 6 -19.31 -18.79 8.21
CA LYS A 6 -20.18 -19.34 9.23
C LYS A 6 -21.56 -18.71 9.10
N ASP A 7 -22.60 -19.50 9.38
CA ASP A 7 -23.99 -19.05 9.36
C ASP A 7 -24.38 -18.46 8.01
N GLY A 8 -23.84 -19.00 6.92
CA GLY A 8 -24.17 -18.55 5.59
C GLY A 8 -23.38 -17.35 5.10
N ASN A 9 -22.62 -16.68 5.96
CA ASN A 9 -21.84 -15.52 5.58
C ASN A 9 -20.41 -15.94 5.30
N LYS A 10 -19.89 -15.54 4.15
CA LYS A 10 -18.53 -15.88 3.75
C LYS A 10 -17.78 -14.61 3.35
N LEU A 11 -16.46 -14.66 3.53
CA LEU A 11 -15.58 -13.55 3.21
C LEU A 11 -14.42 -14.05 2.36
N ASP A 12 -13.97 -13.21 1.42
CA ASP A 12 -12.89 -13.54 0.51
C ASP A 12 -11.89 -12.38 0.53
N LEU A 13 -10.91 -12.45 1.44
CA LEU A 13 -9.86 -11.45 1.50
C LEU A 13 -8.93 -11.59 0.30
N TYR A 14 -8.59 -10.47 -0.32
CA TYR A 14 -7.74 -10.48 -1.50
C TYR A 14 -6.95 -9.18 -1.56
N GLY A 15 -6.10 -9.07 -2.58
CA GLY A 15 -5.23 -7.91 -2.74
C GLY A 15 -3.86 -8.29 -3.25
N LYS A 16 -3.00 -7.31 -3.44
CA LYS A 16 -1.66 -7.59 -3.95
C LYS A 16 -0.72 -6.46 -3.54
N VAL A 17 0.57 -6.79 -3.52
CA VAL A 17 1.64 -5.83 -3.26
C VAL A 17 2.59 -5.86 -4.44
N ASP A 18 2.72 -4.73 -5.14
CA ASP A 18 3.52 -4.64 -6.35
C ASP A 18 4.66 -3.65 -6.15
N GLY A 19 5.87 -4.09 -6.47
CA GLY A 19 7.02 -3.21 -6.48
C GLY A 19 7.42 -2.84 -7.90
N LEU A 20 7.14 -1.61 -8.31
CA LEU A 20 7.31 -1.18 -9.69
C LEU A 20 8.54 -0.29 -9.83
N HIS A 21 9.21 -0.43 -10.97
CA HIS A 21 10.34 0.42 -11.33
C HIS A 21 10.25 0.77 -12.80
N TYR A 22 10.42 2.05 -13.11
CA TYR A 22 10.29 2.55 -14.48
C TYR A 22 11.65 3.05 -14.97
N PHE A 23 12.01 2.65 -16.18
CA PHE A 23 13.27 3.07 -16.81
C PHE A 23 12.92 3.87 -18.05
N SER A 24 12.98 5.20 -17.95
CA SER A 24 12.68 6.07 -19.06
C SER A 24 13.44 7.38 -18.90
N ASP A 25 13.59 8.10 -20.01
CA ASP A 25 14.28 9.38 -20.02
C ASP A 25 13.31 10.56 -19.96
N ASN A 26 12.01 10.31 -19.81
CA ASN A 26 11.05 11.41 -19.74
C ASN A 26 11.11 12.11 -18.39
N LYS A 27 11.49 11.40 -17.34
CA LYS A 27 11.62 11.88 -15.96
C LYS A 27 10.28 12.24 -15.33
N ASP A 28 9.17 12.08 -16.05
CA ASP A 28 7.86 12.34 -15.48
C ASP A 28 7.21 11.08 -14.90
N VAL A 29 7.64 9.90 -15.33
CA VAL A 29 7.11 8.64 -14.81
C VAL A 29 8.27 7.75 -14.40
N ASP A 30 9.48 8.17 -14.73
CA ASP A 30 10.67 7.40 -14.39
C ASP A 30 10.87 7.37 -12.87
N GLY A 31 11.24 6.20 -12.36
CA GLY A 31 11.48 6.01 -10.95
C GLY A 31 10.67 4.86 -10.39
N ASP A 32 10.79 4.67 -9.08
CA ASP A 32 10.07 3.60 -8.39
C ASP A 32 8.63 4.04 -8.14
N GLN A 33 7.68 3.23 -8.60
CA GLN A 33 6.25 3.54 -8.46
C GLN A 33 5.53 2.35 -7.81
N THR A 34 6.08 1.85 -6.73
CA THR A 34 5.47 0.74 -6.02
C THR A 34 4.16 1.18 -5.38
N TYR A 35 3.17 0.29 -5.40
CA TYR A 35 1.86 0.56 -4.82
C TYR A 35 1.40 -0.67 -4.04
N MET A 36 0.18 -0.60 -3.53
CA MET A 36 -0.38 -1.69 -2.74
C MET A 36 -1.88 -1.76 -3.01
N ARG A 37 -2.41 -2.99 -3.03
CA ARG A 37 -3.83 -3.24 -3.23
C ARG A 37 -4.36 -4.08 -2.08
N LEU A 38 -5.48 -3.65 -1.50
CA LEU A 38 -6.07 -4.35 -0.38
C LEU A 38 -7.59 -4.17 -0.43
N GLY A 39 -8.31 -5.25 -0.14
CA GLY A 39 -9.75 -5.19 -0.14
C GLY A 39 -10.34 -6.54 0.24
N PHE A 40 -11.67 -6.57 0.31
CA PHE A 40 -12.40 -7.78 0.67
C PHE A 40 -13.59 -7.94 -0.27
N LYS A 41 -14.14 -9.15 -0.31
CA LYS A 41 -15.29 -9.48 -1.14
C LYS A 41 -16.21 -10.38 -0.33
N GLY A 42 -17.20 -9.78 0.34
CA GLY A 42 -18.13 -10.53 1.14
C GLY A 42 -19.32 -11.04 0.35
N GLU A 43 -20.00 -12.04 0.92
CA GLU A 43 -21.16 -12.64 0.30
C GLU A 43 -22.04 -13.27 1.38
N THR A 44 -23.33 -12.99 1.32
CA THR A 44 -24.29 -13.52 2.28
C THR A 44 -25.43 -14.21 1.54
N GLN A 45 -26.03 -15.20 2.21
CA GLN A 45 -27.12 -15.99 1.65
C GLN A 45 -28.40 -15.65 2.41
N VAL A 46 -29.17 -14.71 1.87
CA VAL A 46 -30.43 -14.32 2.52
C VAL A 46 -31.42 -15.47 2.49
N THR A 47 -31.57 -16.11 1.34
CA THR A 47 -32.47 -17.25 1.18
C THR A 47 -31.98 -18.09 0.01
N ASP A 48 -32.81 -19.05 -0.41
CA ASP A 48 -32.42 -19.95 -1.50
C ASP A 48 -32.46 -19.28 -2.86
N GLN A 49 -33.17 -18.16 -2.99
CA GLN A 49 -33.31 -17.46 -4.26
C GLN A 49 -32.59 -16.11 -4.28
N LEU A 50 -32.73 -15.31 -3.23
CA LEU A 50 -32.13 -13.99 -3.16
C LEU A 50 -30.86 -14.07 -2.32
N THR A 51 -29.74 -13.65 -2.89
CA THR A 51 -28.45 -13.64 -2.21
C THR A 51 -27.89 -12.22 -2.20
N GLY A 52 -26.89 -12.02 -1.34
CA GLY A 52 -26.24 -10.73 -1.25
C GLY A 52 -24.73 -10.87 -1.40
N TYR A 53 -24.11 -9.79 -1.85
CA TYR A 53 -22.67 -9.77 -2.07
C TYR A 53 -22.15 -8.35 -1.93
N GLY A 54 -20.86 -8.24 -1.69
CA GLY A 54 -20.21 -6.94 -1.58
C GLY A 54 -18.78 -7.01 -2.07
N GLN A 55 -18.29 -5.86 -2.53
CA GLN A 55 -16.93 -5.77 -3.06
C GLN A 55 -16.34 -4.43 -2.68
N TRP A 56 -15.08 -4.45 -2.23
CA TRP A 56 -14.37 -3.24 -1.86
C TRP A 56 -12.89 -3.43 -2.16
N GLU A 57 -12.24 -2.34 -2.57
CA GLU A 57 -10.82 -2.38 -2.90
C GLU A 57 -10.21 -1.01 -2.61
N TYR A 58 -9.04 -1.02 -1.98
CA TYR A 58 -8.30 0.19 -1.66
C TYR A 58 -6.90 0.11 -2.27
N GLN A 59 -6.45 1.21 -2.84
CA GLN A 59 -5.14 1.31 -3.47
C GLN A 59 -4.30 2.32 -2.70
N ILE A 60 -3.13 1.88 -2.24
CA ILE A 60 -2.20 2.72 -1.50
C ILE A 60 -0.86 2.71 -2.21
N GLN A 61 -0.35 3.90 -2.54
CA GLN A 61 0.93 4.02 -3.22
C GLN A 61 2.06 3.94 -2.20
N GLY A 62 2.90 2.92 -2.32
CA GLY A 62 4.02 2.73 -1.42
C GLY A 62 5.29 3.46 -1.79
N ASN A 63 5.27 4.25 -2.85
CA ASN A 63 6.45 5.00 -3.29
C ASN A 63 6.53 6.38 -2.65
N SER A 64 5.53 6.78 -1.87
CA SER A 64 5.54 8.09 -1.24
C SER A 64 6.42 8.07 0.01
N ALA A 65 6.67 9.27 0.55
CA ALA A 65 7.49 9.42 1.73
C ALA A 65 6.60 9.36 2.98
N GLU A 66 7.20 9.59 4.15
CA GLU A 66 6.45 9.54 5.40
C GLU A 66 5.59 10.78 5.61
N ASN A 67 6.01 11.93 5.06
CA ASN A 67 5.29 13.18 5.25
C ASN A 67 4.16 13.37 4.23
N GLU A 68 3.98 12.46 3.29
CA GLU A 68 2.94 12.55 2.28
C GLU A 68 2.24 11.22 2.14
N ASN A 69 0.97 11.28 1.72
CA ASN A 69 0.14 10.10 1.52
C ASN A 69 -0.55 10.18 0.18
N ASN A 70 -0.54 9.07 -0.55
CA ASN A 70 -1.17 8.97 -1.87
C ASN A 70 -1.98 7.68 -1.93
N SER A 71 -3.29 7.79 -1.72
CA SER A 71 -4.17 6.63 -1.75
C SER A 71 -5.54 7.05 -2.24
N TRP A 72 -6.27 6.08 -2.77
CA TRP A 72 -7.62 6.33 -3.28
C TRP A 72 -8.39 5.02 -3.29
N THR A 73 -9.72 5.15 -3.35
CA THR A 73 -10.61 3.99 -3.41
C THR A 73 -10.91 3.67 -4.87
N ARG A 74 -10.62 2.44 -5.28
CA ARG A 74 -10.83 2.04 -6.67
C ARG A 74 -12.29 1.67 -6.93
N VAL A 75 -12.77 0.63 -6.25
CA VAL A 75 -14.14 0.16 -6.42
C VAL A 75 -14.74 -0.10 -5.04
N ALA A 76 -15.98 0.35 -4.84
CA ALA A 76 -16.67 0.14 -3.56
C ALA A 76 -18.18 0.16 -3.83
N PHE A 77 -18.80 -1.01 -3.82
CA PHE A 77 -20.23 -1.13 -4.07
C PHE A 77 -20.77 -2.36 -3.35
N ALA A 78 -22.08 -2.37 -3.17
CA ALA A 78 -22.76 -3.49 -2.54
C ALA A 78 -24.17 -3.59 -3.08
N GLY A 79 -24.76 -4.78 -2.96
CA GLY A 79 -26.10 -4.99 -3.44
C GLY A 79 -26.50 -6.44 -3.30
N LEU A 80 -27.71 -6.73 -3.75
CA LEU A 80 -28.27 -8.08 -3.69
C LEU A 80 -28.18 -8.75 -5.05
N LYS A 81 -28.43 -10.06 -5.05
CA LYS A 81 -28.40 -10.86 -6.27
C LYS A 81 -29.49 -11.92 -6.18
N PHE A 82 -30.39 -11.92 -7.16
CA PHE A 82 -31.49 -12.86 -7.20
C PHE A 82 -31.03 -14.16 -7.86
N GLN A 83 -31.98 -15.04 -8.16
CA GLN A 83 -31.67 -16.35 -8.72
C GLN A 83 -31.55 -16.31 -10.25
N ASP A 84 -32.64 -15.90 -10.93
CA ASP A 84 -32.64 -15.93 -12.39
C ASP A 84 -33.29 -14.69 -13.00
N VAL A 85 -33.37 -13.59 -12.27
CA VAL A 85 -33.93 -12.34 -12.79
C VAL A 85 -32.92 -11.21 -12.87
N GLY A 86 -31.71 -11.41 -12.34
CA GLY A 86 -30.67 -10.39 -12.39
C GLY A 86 -30.28 -9.94 -10.99
N SER A 87 -29.27 -9.07 -10.95
CA SER A 87 -28.74 -8.52 -9.72
C SER A 87 -28.63 -7.01 -9.84
N PHE A 88 -28.86 -6.33 -8.71
CA PHE A 88 -28.80 -4.87 -8.65
C PHE A 88 -27.88 -4.46 -7.51
N ASP A 89 -27.04 -3.45 -7.77
CA ASP A 89 -26.12 -2.94 -6.77
C ASP A 89 -25.85 -1.47 -7.04
N TYR A 90 -25.69 -0.71 -5.96
CA TYR A 90 -25.42 0.72 -6.04
C TYR A 90 -24.13 1.05 -5.32
N GLY A 91 -23.34 1.93 -5.92
CA GLY A 91 -22.07 2.35 -5.35
C GLY A 91 -21.05 2.53 -6.45
N ARG A 92 -19.78 2.64 -6.04
CA ARG A 92 -18.70 2.79 -6.99
C ARG A 92 -18.41 1.46 -7.67
N ASN A 93 -18.49 1.44 -9.00
CA ASN A 93 -18.30 0.22 -9.78
C ASN A 93 -17.77 0.59 -11.15
N TYR A 94 -17.75 -0.39 -12.05
CA TYR A 94 -17.27 -0.18 -13.41
C TYR A 94 -18.43 0.14 -14.34
N GLY A 95 -18.14 0.95 -15.36
CA GLY A 95 -19.15 1.32 -16.33
C GLY A 95 -19.45 0.21 -17.32
N VAL A 96 -20.52 0.42 -18.09
CA VAL A 96 -20.92 -0.56 -19.09
C VAL A 96 -19.99 -0.55 -20.29
N VAL A 97 -19.31 0.58 -20.55
CA VAL A 97 -18.37 0.64 -21.66
C VAL A 97 -17.13 -0.20 -21.37
N TYR A 98 -16.72 -0.27 -20.10
CA TYR A 98 -15.55 -1.06 -19.74
C TYR A 98 -15.77 -2.57 -19.92
N ASP A 99 -17.03 -3.01 -19.94
CA ASP A 99 -17.31 -4.43 -20.11
C ASP A 99 -16.92 -4.94 -21.49
N VAL A 100 -16.79 -4.06 -22.47
CA VAL A 100 -16.42 -4.47 -23.83
C VAL A 100 -14.92 -4.23 -24.03
N THR A 101 -14.39 -3.21 -23.37
CA THR A 101 -12.97 -2.87 -23.49
C THR A 101 -12.10 -3.69 -22.55
N SER A 102 -12.68 -4.52 -21.70
CA SER A 102 -11.89 -5.35 -20.79
C SER A 102 -11.30 -6.58 -21.48
N TRP A 103 -11.74 -6.89 -22.69
CA TRP A 103 -11.18 -8.03 -23.41
C TRP A 103 -9.76 -7.77 -23.86
N THR A 104 -9.43 -6.53 -24.20
CA THR A 104 -8.08 -6.15 -24.61
C THR A 104 -7.30 -5.51 -23.47
N ASP A 105 -7.84 -5.53 -22.24
CA ASP A 105 -7.18 -4.95 -21.08
C ASP A 105 -6.52 -6.00 -20.20
N VAL A 106 -6.04 -7.09 -20.79
CA VAL A 106 -5.37 -8.15 -20.05
C VAL A 106 -3.87 -7.89 -20.02
N LEU A 107 -3.48 -6.70 -20.48
CA LEU A 107 -2.07 -6.34 -20.49
C LEU A 107 -1.56 -6.20 -19.06
N PRO A 108 -0.31 -6.60 -18.79
CA PRO A 108 0.17 -6.62 -17.40
C PRO A 108 0.23 -5.25 -16.74
N GLU A 109 0.95 -4.31 -17.35
CA GLU A 109 1.17 -3.00 -16.75
C GLU A 109 0.56 -1.86 -17.57
N PHE A 110 0.89 -1.76 -18.85
CA PHE A 110 0.41 -0.67 -19.71
C PHE A 110 -0.79 -1.18 -20.50
N GLY A 111 -1.98 -0.85 -20.01
CA GLY A 111 -3.20 -1.25 -20.69
C GLY A 111 -4.34 -0.32 -20.32
N GLY A 112 -5.25 -0.12 -21.28
CA GLY A 112 -6.38 0.76 -21.05
C GLY A 112 -6.01 2.19 -20.79
N ASP A 113 -5.04 2.72 -21.54
CA ASP A 113 -4.58 4.09 -21.36
C ASP A 113 -5.38 5.10 -22.19
N THR A 114 -6.29 4.63 -23.05
CA THR A 114 -7.07 5.55 -23.87
C THR A 114 -8.14 6.28 -23.08
N TYR A 115 -8.47 5.80 -21.88
CA TYR A 115 -9.49 6.45 -21.06
C TYR A 115 -8.93 6.75 -19.67
N GLY A 116 -9.81 7.21 -18.77
CA GLY A 116 -9.39 7.52 -17.41
C GLY A 116 -10.55 7.38 -16.45
N SER A 117 -10.21 7.42 -15.17
CA SER A 117 -11.22 7.28 -14.12
C SER A 117 -12.14 8.49 -14.09
N ASP A 118 -13.43 8.25 -13.89
CA ASP A 118 -14.45 9.30 -13.83
C ASP A 118 -14.41 10.18 -15.08
N ASN A 119 -14.29 9.55 -16.24
CA ASN A 119 -14.19 10.26 -17.52
C ASN A 119 -15.32 9.78 -18.43
N PHE A 120 -16.49 10.41 -18.30
CA PHE A 120 -17.64 10.16 -19.17
C PHE A 120 -18.01 8.67 -19.21
N MET A 121 -18.14 8.08 -18.01
CA MET A 121 -18.59 6.70 -17.85
C MET A 121 -17.71 5.72 -18.62
N GLN A 122 -16.39 5.94 -18.58
CA GLN A 122 -15.44 5.05 -19.23
C GLN A 122 -14.66 4.19 -18.25
N GLN A 123 -14.69 4.50 -16.96
CA GLN A 123 -13.96 3.74 -15.96
C GLN A 123 -14.75 3.81 -14.65
N ARG A 124 -14.10 3.47 -13.54
CA ARG A 124 -14.76 3.50 -12.24
C ARG A 124 -15.22 4.91 -11.90
N GLY A 125 -16.47 5.01 -11.43
CA GLY A 125 -17.05 6.29 -11.08
C GLY A 125 -17.94 6.16 -9.85
N ASN A 126 -18.50 7.30 -9.46
CA ASN A 126 -19.34 7.38 -8.28
C ASN A 126 -20.82 7.39 -8.67
N GLY A 127 -21.65 6.86 -7.79
CA GLY A 127 -23.09 6.80 -8.04
C GLY A 127 -23.47 5.91 -9.20
N PHE A 128 -22.87 4.73 -9.30
CA PHE A 128 -23.14 3.80 -10.37
C PHE A 128 -24.14 2.75 -9.88
N ALA A 129 -25.36 2.81 -10.41
CA ALA A 129 -26.40 1.83 -10.11
C ALA A 129 -26.50 0.90 -11.30
N THR A 130 -25.75 -0.21 -11.24
CA THR A 130 -25.65 -1.15 -12.35
C THR A 130 -26.53 -2.37 -12.08
N TYR A 131 -27.41 -2.67 -13.02
CA TYR A 131 -28.26 -3.86 -12.98
C TYR A 131 -27.85 -4.78 -14.12
N ARG A 132 -27.48 -6.01 -13.79
CA ARG A 132 -26.99 -6.97 -14.76
C ARG A 132 -27.79 -8.26 -14.68
N ASN A 133 -28.13 -8.81 -15.85
CA ASN A 133 -28.86 -10.06 -15.96
C ASN A 133 -27.95 -11.13 -16.57
N THR A 134 -28.00 -12.32 -16.00
CA THR A 134 -27.13 -13.42 -16.42
C THR A 134 -27.92 -14.44 -17.22
N ASP A 135 -27.37 -14.84 -18.36
CA ASP A 135 -27.95 -15.89 -19.21
C ASP A 135 -29.34 -15.53 -19.73
N PHE A 136 -29.62 -14.22 -19.83
CA PHE A 136 -30.89 -13.72 -20.35
C PHE A 136 -32.08 -14.35 -19.62
N PHE A 137 -32.07 -14.18 -18.30
CA PHE A 137 -33.10 -14.76 -17.42
C PHE A 137 -33.18 -16.27 -17.58
N GLY A 138 -32.03 -16.92 -17.79
CA GLY A 138 -31.99 -18.35 -17.92
C GLY A 138 -32.48 -18.91 -19.23
N LEU A 139 -32.70 -18.06 -20.24
CA LEU A 139 -33.20 -18.54 -21.52
C LEU A 139 -32.07 -19.13 -22.37
N VAL A 140 -31.06 -18.33 -22.69
CA VAL A 140 -29.94 -18.77 -23.49
C VAL A 140 -28.67 -18.75 -22.66
N ASP A 141 -27.56 -19.20 -23.24
CA ASP A 141 -26.27 -19.27 -22.55
C ASP A 141 -25.30 -18.31 -23.20
N GLY A 142 -24.65 -17.48 -22.39
CA GLY A 142 -23.64 -16.55 -22.86
C GLY A 142 -24.13 -15.18 -23.22
N LEU A 143 -25.45 -14.97 -23.29
CA LEU A 143 -26.01 -13.66 -23.64
C LEU A 143 -26.19 -12.85 -22.36
N ASN A 144 -25.17 -12.05 -22.04
CA ASN A 144 -25.19 -11.22 -20.84
C ASN A 144 -25.35 -9.76 -21.26
N PHE A 145 -26.30 -9.07 -20.62
CA PHE A 145 -26.54 -7.66 -20.88
C PHE A 145 -26.79 -6.95 -19.56
N ALA A 146 -26.50 -5.64 -19.55
CA ALA A 146 -26.67 -4.86 -18.34
C ALA A 146 -27.02 -3.42 -18.71
N VAL A 147 -27.63 -2.72 -17.75
CA VAL A 147 -28.00 -1.32 -17.91
C VAL A 147 -27.71 -0.60 -16.60
N GLN A 148 -27.11 0.59 -16.70
CA GLN A 148 -26.74 1.35 -15.52
C GLN A 148 -27.02 2.83 -15.75
N TYR A 149 -27.07 3.57 -14.64
CA TYR A 149 -27.32 5.00 -14.66
C TYR A 149 -26.26 5.71 -13.81
N GLN A 150 -25.90 6.92 -14.23
CA GLN A 150 -24.87 7.70 -13.56
C GLN A 150 -25.45 9.02 -13.08
N GLY A 151 -25.12 9.39 -11.85
CA GLY A 151 -25.58 10.65 -11.28
C GLY A 151 -24.79 11.84 -11.81
N LYS A 152 -25.28 13.03 -11.46
CA LYS A 152 -24.66 14.28 -11.88
C LYS A 152 -23.67 14.76 -10.83
N ASN A 153 -22.44 15.03 -11.26
CA ASN A 153 -21.40 15.54 -10.40
C ASN A 153 -20.82 16.81 -11.02
N GLY A 154 -20.73 17.87 -10.23
CA GLY A 154 -20.25 19.14 -10.74
C GLY A 154 -19.11 19.75 -9.96
N ASN A 155 -19.20 21.06 -9.71
CA ASN A 155 -18.13 21.77 -9.02
C ASN A 155 -18.09 21.40 -7.55
N PRO A 156 -16.93 21.50 -6.91
CA PRO A 156 -16.85 21.23 -5.47
C PRO A 156 -17.65 22.24 -4.66
N SER A 157 -18.12 21.79 -3.50
CA SER A 157 -18.98 22.59 -2.65
C SER A 157 -18.17 23.34 -1.60
N GLY A 158 -18.42 24.63 -1.47
CA GLY A 158 -17.82 25.44 -0.43
C GLY A 158 -16.65 26.29 -0.84
N GLU A 159 -16.27 26.31 -2.13
CA GLU A 159 -15.15 27.11 -2.60
C GLU A 159 -15.61 27.96 -3.79
N GLY A 160 -16.20 29.11 -3.47
CA GLY A 160 -16.54 30.11 -4.49
C GLY A 160 -17.44 29.60 -5.60
N PHE A 161 -18.26 28.59 -5.33
CA PHE A 161 -19.13 28.00 -6.33
C PHE A 161 -20.58 28.11 -5.89
N THR A 162 -21.44 28.59 -6.80
CA THR A 162 -22.85 28.71 -6.53
C THR A 162 -23.73 28.08 -7.60
N SER A 163 -23.14 27.48 -8.63
CA SER A 163 -23.89 26.81 -9.70
C SER A 163 -23.22 25.48 -10.01
N GLY A 164 -24.04 24.46 -10.23
CA GLY A 164 -23.51 23.12 -10.43
C GLY A 164 -22.76 22.60 -9.23
N VAL A 165 -23.30 22.83 -8.03
CA VAL A 165 -22.63 22.49 -6.78
C VAL A 165 -23.13 21.14 -6.30
N THR A 166 -22.19 20.30 -5.87
CA THR A 166 -22.52 19.00 -5.30
C THR A 166 -21.55 18.68 -4.18
N ASN A 167 -21.95 17.77 -3.30
CA ASN A 167 -21.13 17.41 -2.15
C ASN A 167 -19.93 16.58 -2.52
N ASN A 168 -19.91 15.99 -3.72
CA ASN A 168 -18.80 15.16 -4.18
C ASN A 168 -18.17 15.77 -5.44
N GLY A 169 -17.99 17.09 -5.43
CA GLY A 169 -17.41 17.75 -6.58
C GLY A 169 -15.92 17.51 -6.71
N ARG A 170 -15.42 17.76 -7.91
CA ARG A 170 -14.00 17.60 -8.22
C ARG A 170 -13.62 18.61 -9.29
N ASP A 171 -12.46 18.41 -9.90
CA ASP A 171 -12.00 19.29 -10.96
C ASP A 171 -12.85 19.11 -12.22
N ALA A 172 -12.83 20.14 -13.07
CA ALA A 172 -13.61 20.11 -14.30
C ALA A 172 -13.07 19.12 -15.32
N LEU A 173 -11.86 18.59 -15.11
CA LEU A 173 -11.27 17.63 -16.04
C LEU A 173 -11.93 16.27 -15.98
N ARG A 174 -12.75 15.99 -14.95
CA ARG A 174 -13.40 14.70 -14.82
C ARG A 174 -14.87 14.81 -14.42
N GLN A 175 -15.50 15.96 -14.68
CA GLN A 175 -16.91 16.13 -14.35
C GLN A 175 -17.78 15.40 -15.37
N ASN A 176 -18.98 15.02 -14.92
CA ASN A 176 -19.93 14.32 -15.78
C ASN A 176 -21.34 14.63 -15.31
N GLY A 177 -22.30 14.45 -16.23
CA GLY A 177 -23.69 14.69 -15.96
C GLY A 177 -24.49 13.41 -15.81
N ASP A 178 -25.81 13.54 -16.00
CA ASP A 178 -26.71 12.40 -15.90
C ASP A 178 -26.72 11.67 -17.23
N GLY A 179 -26.06 10.52 -17.28
CA GLY A 179 -25.98 9.72 -18.49
C GLY A 179 -26.53 8.32 -18.27
N VAL A 180 -27.06 7.74 -19.34
CA VAL A 180 -27.61 6.38 -19.32
C VAL A 180 -26.95 5.57 -20.42
N GLY A 181 -26.50 4.37 -20.08
CA GLY A 181 -25.84 3.51 -21.05
C GLY A 181 -26.04 2.05 -20.70
N GLY A 182 -25.81 1.20 -21.70
CA GLY A 182 -25.96 -0.23 -21.52
C GLY A 182 -25.09 -0.98 -22.50
N SER A 183 -24.74 -2.21 -22.13
CA SER A 183 -23.90 -3.06 -22.95
C SER A 183 -24.50 -4.46 -23.03
N ILE A 184 -24.23 -5.15 -24.13
CA ILE A 184 -24.71 -6.50 -24.35
C ILE A 184 -23.57 -7.35 -24.91
N THR A 185 -23.33 -8.50 -24.30
CA THR A 185 -22.28 -9.42 -24.73
C THR A 185 -22.90 -10.76 -25.10
N TYR A 186 -22.14 -11.54 -25.87
CA TYR A 186 -22.60 -12.86 -26.31
C TYR A 186 -21.38 -13.74 -26.53
N ASP A 187 -21.24 -14.78 -25.72
CA ASP A 187 -20.13 -15.73 -25.81
C ASP A 187 -20.72 -17.13 -25.95
N TYR A 188 -20.71 -17.67 -27.18
CA TYR A 188 -21.26 -18.99 -27.42
C TYR A 188 -20.25 -20.08 -27.05
N GLU A 189 -19.10 -20.10 -27.74
CA GLU A 189 -18.07 -21.08 -27.46
C GLU A 189 -16.74 -20.50 -27.91
N GLY A 190 -15.95 -20.00 -26.96
CA GLY A 190 -14.66 -19.42 -27.26
C GLY A 190 -14.77 -18.02 -27.86
N PHE A 191 -15.38 -17.92 -29.04
CA PHE A 191 -15.56 -16.63 -29.67
C PHE A 191 -16.62 -15.80 -28.95
N GLY A 192 -16.50 -14.49 -29.06
CA GLY A 192 -17.45 -13.59 -28.43
C GLY A 192 -17.50 -12.27 -29.14
N ILE A 193 -18.67 -11.63 -29.08
CA ILE A 193 -18.90 -10.33 -29.69
C ILE A 193 -19.78 -9.50 -28.77
N GLY A 194 -19.37 -8.26 -28.51
CA GLY A 194 -20.12 -7.39 -27.62
C GLY A 194 -20.16 -5.97 -28.16
N GLY A 195 -20.89 -5.12 -27.44
CA GLY A 195 -21.01 -3.72 -27.81
C GLY A 195 -21.62 -2.93 -26.69
N ALA A 196 -21.35 -1.62 -26.72
CA ALA A 196 -21.84 -0.71 -25.69
C ALA A 196 -22.14 0.64 -26.31
N ILE A 197 -23.27 1.22 -25.90
CA ILE A 197 -23.69 2.55 -26.33
C ILE A 197 -23.88 3.41 -25.09
N SER A 198 -23.21 4.56 -25.06
CA SER A 198 -23.25 5.45 -23.92
C SER A 198 -23.53 6.87 -24.39
N SER A 199 -24.19 7.64 -23.51
CA SER A 199 -24.51 9.04 -23.80
C SER A 199 -24.61 9.76 -22.47
N SER A 200 -23.58 10.53 -22.13
CA SER A 200 -23.49 11.24 -20.86
C SER A 200 -23.56 12.73 -21.10
N LYS A 201 -24.36 13.43 -20.29
CA LYS A 201 -24.49 14.87 -20.42
C LYS A 201 -23.24 15.57 -19.91
N ARG A 202 -23.03 16.79 -20.37
CA ARG A 202 -21.88 17.61 -20.01
C ARG A 202 -22.34 18.80 -19.18
N THR A 203 -21.62 19.06 -18.08
CA THR A 203 -21.95 20.17 -17.20
C THR A 203 -21.51 21.49 -17.82
N ASP A 204 -21.99 22.58 -17.23
CA ASP A 204 -21.65 23.91 -17.72
C ASP A 204 -20.19 24.27 -17.48
N ALA A 205 -19.54 23.62 -16.53
CA ALA A 205 -18.13 23.92 -16.26
C ALA A 205 -17.23 23.37 -17.36
N GLN A 206 -17.66 22.32 -18.05
CA GLN A 206 -16.89 21.71 -19.13
C GLN A 206 -17.16 22.34 -20.48
N ASN A 207 -18.10 23.30 -20.56
CA ASN A 207 -18.45 23.96 -21.81
C ASN A 207 -17.80 25.33 -21.94
N THR A 208 -16.84 25.67 -21.09
CA THR A 208 -16.18 26.96 -21.15
C THR A 208 -15.14 26.97 -22.27
N ALA A 209 -14.47 28.11 -22.41
CA ALA A 209 -13.45 28.29 -23.45
C ALA A 209 -12.08 27.78 -23.03
N ALA A 210 -11.92 27.34 -21.77
CA ALA A 210 -10.64 26.85 -21.29
C ALA A 210 -10.39 25.39 -21.67
N TYR A 211 -11.41 24.68 -22.16
CA TYR A 211 -11.28 23.29 -22.56
C TYR A 211 -11.90 23.07 -23.93
N ILE A 212 -11.32 22.16 -24.69
CA ILE A 212 -11.82 21.85 -26.03
C ILE A 212 -12.97 20.87 -25.93
N GLY A 213 -13.98 21.05 -26.78
CA GLY A 213 -15.13 20.16 -26.81
C GLY A 213 -16.35 20.75 -26.12
N ASN A 214 -17.30 21.23 -26.90
CA ASN A 214 -18.53 21.80 -26.39
C ASN A 214 -19.71 21.07 -27.02
N GLY A 215 -20.60 20.52 -26.19
CA GLY A 215 -21.76 19.83 -26.68
C GLY A 215 -22.74 19.55 -25.56
N ASP A 216 -23.99 19.33 -25.95
CA ASP A 216 -25.03 19.04 -24.97
C ASP A 216 -24.90 17.62 -24.43
N ARG A 217 -24.60 16.65 -25.29
CA ARG A 217 -24.46 15.26 -24.89
C ARG A 217 -23.21 14.67 -25.52
N ALA A 218 -22.54 13.79 -24.78
CA ALA A 218 -21.33 13.11 -25.25
C ALA A 218 -21.67 11.66 -25.55
N GLU A 219 -21.75 11.32 -26.83
CA GLU A 219 -22.07 9.97 -27.25
C GLU A 219 -20.80 9.12 -27.31
N THR A 220 -20.99 7.81 -27.19
CA THR A 220 -19.88 6.87 -27.21
C THR A 220 -20.38 5.51 -27.69
N TYR A 221 -19.81 5.01 -28.79
CA TYR A 221 -20.14 3.71 -29.33
C TYR A 221 -18.87 2.86 -29.36
N THR A 222 -18.95 1.66 -28.77
CA THR A 222 -17.81 0.77 -28.66
C THR A 222 -18.20 -0.63 -29.10
N GLY A 223 -17.33 -1.27 -29.88
CA GLY A 223 -17.51 -2.64 -30.27
C GLY A 223 -16.21 -3.41 -30.15
N GLY A 224 -16.34 -4.71 -29.91
CA GLY A 224 -15.17 -5.54 -29.70
C GLY A 224 -15.46 -7.00 -29.97
N LEU A 225 -14.38 -7.77 -30.09
CA LEU A 225 -14.45 -9.20 -30.30
C LEU A 225 -13.45 -9.89 -29.37
N LYS A 226 -13.73 -11.15 -29.05
CA LYS A 226 -12.88 -11.90 -28.15
C LYS A 226 -12.84 -13.36 -28.58
N TYR A 227 -11.77 -14.06 -28.19
CA TYR A 227 -11.61 -15.48 -28.50
C TYR A 227 -10.65 -16.06 -27.49
N ASP A 228 -11.13 -16.97 -26.65
CA ASP A 228 -10.33 -17.61 -25.60
C ASP A 228 -10.58 -19.11 -25.66
N ALA A 229 -9.75 -19.81 -26.45
CA ALA A 229 -9.85 -21.26 -26.57
C ALA A 229 -8.51 -21.79 -27.06
N ASN A 230 -8.29 -23.08 -26.81
CA ASN A 230 -7.07 -23.77 -27.22
C ASN A 230 -5.82 -23.08 -26.65
N ASN A 231 -5.94 -22.57 -25.43
CA ASN A 231 -4.82 -21.94 -24.71
C ASN A 231 -4.25 -20.73 -25.47
N ILE A 232 -5.09 -20.02 -26.22
CA ILE A 232 -4.70 -18.80 -26.89
C ILE A 232 -5.69 -17.70 -26.53
N TYR A 233 -5.24 -16.45 -26.68
CA TYR A 233 -6.06 -15.29 -26.34
C TYR A 233 -5.83 -14.23 -27.41
N LEU A 234 -6.84 -14.03 -28.26
CA LEU A 234 -6.81 -12.99 -29.28
C LEU A 234 -8.06 -12.15 -29.17
N ALA A 235 -7.88 -10.83 -29.14
CA ALA A 235 -9.01 -9.91 -29.01
C ALA A 235 -8.69 -8.61 -29.73
N ALA A 236 -9.75 -7.93 -30.17
CA ALA A 236 -9.63 -6.64 -30.83
C ALA A 236 -10.92 -5.87 -30.64
N GLN A 237 -10.80 -4.55 -30.51
CA GLN A 237 -11.96 -3.70 -30.27
C GLN A 237 -11.74 -2.35 -30.92
N TYR A 238 -12.82 -1.77 -31.43
CA TYR A 238 -12.81 -0.44 -32.01
C TYR A 238 -13.74 0.46 -31.20
N THR A 239 -13.25 1.64 -30.83
CA THR A 239 -14.00 2.58 -29.99
C THR A 239 -14.13 3.91 -30.72
N GLN A 240 -15.34 4.44 -30.77
CA GLN A 240 -15.64 5.74 -31.36
C GLN A 240 -16.31 6.59 -30.30
N THR A 241 -15.62 7.65 -29.86
CA THR A 241 -16.09 8.51 -28.79
C THR A 241 -16.22 9.95 -29.29
N TYR A 242 -17.28 10.63 -28.86
CA TYR A 242 -17.51 12.03 -29.18
C TYR A 242 -17.51 12.83 -27.88
N ASN A 243 -16.50 13.68 -27.71
CA ASN A 243 -16.34 14.51 -26.52
C ASN A 243 -16.31 13.65 -25.25
N ALA A 244 -15.67 12.50 -25.33
CA ALA A 244 -15.57 11.58 -24.21
C ALA A 244 -14.15 11.28 -23.78
N THR A 245 -13.24 11.08 -24.72
CA THR A 245 -11.86 10.74 -24.40
C THR A 245 -11.10 11.99 -23.97
N ARG A 246 -10.43 11.91 -22.82
CA ARG A 246 -9.64 13.02 -22.32
C ARG A 246 -8.30 13.09 -23.02
N VAL A 247 -7.88 14.31 -23.37
CA VAL A 247 -6.60 14.56 -24.03
C VAL A 247 -5.85 15.57 -23.17
N GLY A 248 -5.01 15.07 -22.26
CA GLY A 248 -4.23 15.93 -21.39
C GLY A 248 -5.11 16.75 -20.47
N SER A 249 -4.58 17.91 -20.07
CA SER A 249 -5.28 18.83 -19.19
C SER A 249 -5.96 19.98 -19.95
N LEU A 250 -5.85 20.00 -21.28
CA LEU A 250 -6.41 21.08 -22.07
C LEU A 250 -7.85 20.80 -22.53
N GLY A 251 -8.42 19.66 -22.16
CA GLY A 251 -9.79 19.36 -22.51
C GLY A 251 -9.99 17.95 -23.05
N TRP A 252 -10.97 17.80 -23.94
CA TRP A 252 -11.29 16.50 -24.53
C TRP A 252 -11.41 16.65 -26.04
N ALA A 253 -11.02 15.59 -26.75
CA ALA A 253 -11.11 15.59 -28.20
C ALA A 253 -12.57 15.54 -28.65
N ASN A 254 -12.88 16.31 -29.70
CA ASN A 254 -14.25 16.34 -30.21
C ASN A 254 -14.63 15.00 -30.84
N LYS A 255 -13.70 14.37 -31.55
CA LYS A 255 -13.96 13.10 -32.20
C LYS A 255 -12.68 12.28 -32.22
N ALA A 256 -12.75 11.06 -31.67
CA ALA A 256 -11.61 10.16 -31.63
C ALA A 256 -12.05 8.77 -32.04
N GLN A 257 -11.14 8.04 -32.69
CA GLN A 257 -11.39 6.67 -33.16
C GLN A 257 -10.33 5.77 -32.53
N ASN A 258 -10.61 5.29 -31.32
CA ASN A 258 -9.69 4.40 -30.62
C ASN A 258 -9.79 2.99 -31.20
N PHE A 259 -8.64 2.30 -31.24
CA PHE A 259 -8.59 0.94 -31.75
C PHE A 259 -7.49 0.20 -30.98
N GLU A 260 -7.88 -0.79 -30.20
CA GLU A 260 -6.96 -1.57 -29.39
C GLU A 260 -7.11 -3.05 -29.71
N ALA A 261 -5.97 -3.74 -29.83
CA ALA A 261 -5.94 -5.18 -30.07
C ALA A 261 -4.92 -5.82 -29.16
N VAL A 262 -5.15 -7.09 -28.83
CA VAL A 262 -4.28 -7.84 -27.93
C VAL A 262 -4.03 -9.22 -28.53
N ALA A 263 -2.93 -9.83 -28.10
CA ALA A 263 -2.56 -11.17 -28.54
C ALA A 263 -1.70 -11.81 -27.46
N GLN A 264 -2.21 -12.88 -26.84
CA GLN A 264 -1.51 -13.55 -25.76
C GLN A 264 -1.61 -15.06 -25.95
N TYR A 265 -0.63 -15.77 -25.42
CA TYR A 265 -0.59 -17.23 -25.47
C TYR A 265 -0.28 -17.77 -24.08
N GLN A 266 -0.85 -18.93 -23.78
CA GLN A 266 -0.67 -19.58 -22.49
C GLN A 266 0.17 -20.84 -22.68
N PHE A 267 1.29 -20.91 -21.96
CA PHE A 267 2.18 -22.06 -22.02
C PHE A 267 1.97 -22.97 -20.82
N ASP A 268 2.49 -24.19 -20.91
CA ASP A 268 2.34 -25.17 -19.84
C ASP A 268 3.26 -24.91 -18.66
N PHE A 269 4.33 -24.14 -18.85
CA PHE A 269 5.28 -23.90 -17.77
C PHE A 269 5.12 -22.52 -17.13
N GLY A 270 4.31 -21.64 -17.71
CA GLY A 270 3.98 -20.40 -17.03
C GLY A 270 4.20 -19.13 -17.82
N LEU A 271 4.98 -19.18 -18.90
CA LEU A 271 5.25 -18.00 -19.69
C LEU A 271 4.01 -17.58 -20.48
N ARG A 272 3.68 -16.30 -20.42
CA ARG A 272 2.53 -15.74 -21.13
C ARG A 272 2.98 -14.54 -21.95
N PRO A 273 3.47 -14.77 -23.17
CA PRO A 273 3.87 -13.65 -24.02
C PRO A 273 2.68 -12.78 -24.38
N SER A 274 2.94 -11.48 -24.55
CA SER A 274 1.89 -10.51 -24.85
C SER A 274 2.35 -9.57 -25.95
N LEU A 275 1.37 -9.05 -26.70
CA LEU A 275 1.64 -8.10 -27.77
C LEU A 275 0.37 -7.32 -28.05
N ALA A 276 0.47 -5.99 -28.05
CA ALA A 276 -0.68 -5.13 -28.25
C ALA A 276 -0.32 -3.99 -29.18
N TYR A 277 -1.34 -3.49 -29.90
CA TYR A 277 -1.19 -2.36 -30.80
C TYR A 277 -2.33 -1.38 -30.52
N LEU A 278 -1.99 -0.21 -29.97
CA LEU A 278 -2.97 0.80 -29.60
C LEU A 278 -2.83 2.00 -30.53
N GLN A 279 -3.94 2.41 -31.13
CA GLN A 279 -3.98 3.55 -32.03
C GLN A 279 -5.17 4.43 -31.68
N SER A 280 -4.97 5.75 -31.74
CA SER A 280 -6.03 6.70 -31.45
C SER A 280 -5.71 8.00 -32.16
N LYS A 281 -6.52 8.38 -33.14
CA LYS A 281 -6.33 9.58 -33.93
C LYS A 281 -7.44 10.58 -33.61
N GLY A 282 -7.07 11.71 -33.03
CA GLY A 282 -8.04 12.76 -32.76
C GLY A 282 -8.43 13.50 -34.02
N LYS A 283 -9.70 13.89 -34.10
CA LYS A 283 -10.24 14.58 -35.25
C LYS A 283 -11.07 15.78 -34.81
N ASN A 284 -11.08 16.81 -35.65
CA ASN A 284 -11.86 18.02 -35.43
C ASN A 284 -11.50 18.69 -34.10
N LEU A 285 -10.21 18.98 -33.96
CA LEU A 285 -9.72 19.68 -32.77
C LEU A 285 -9.91 21.18 -32.93
N GLY A 286 -10.49 21.81 -31.91
CA GLY A 286 -10.77 23.23 -31.97
C GLY A 286 -9.64 24.11 -31.47
N ARG A 287 -8.40 23.72 -31.77
CA ARG A 287 -7.25 24.52 -31.36
C ARG A 287 -6.19 24.58 -32.47
N GLY A 288 -6.57 24.35 -33.72
CA GLY A 288 -5.63 24.39 -34.82
C GLY A 288 -4.80 23.14 -35.02
N TYR A 289 -5.00 22.12 -34.19
CA TYR A 289 -4.25 20.87 -34.31
C TYR A 289 -4.82 19.92 -35.35
N ASP A 290 -6.02 20.22 -35.87
CA ASP A 290 -6.74 19.39 -36.84
C ASP A 290 -6.59 17.90 -36.58
N ASP A 291 -6.18 17.14 -37.60
CA ASP A 291 -6.02 15.70 -37.48
C ASP A 291 -4.61 15.40 -36.98
N GLU A 292 -4.52 14.82 -35.79
CA GLU A 292 -3.25 14.46 -35.17
C GLU A 292 -3.34 13.04 -34.60
N ASP A 293 -2.28 12.63 -33.93
CA ASP A 293 -2.21 11.31 -33.30
C ASP A 293 -1.98 11.50 -31.81
N ILE A 294 -2.84 10.89 -30.99
CA ILE A 294 -2.80 11.03 -29.54
C ILE A 294 -2.67 9.64 -28.94
N LEU A 295 -1.64 9.44 -28.10
CA LEU A 295 -1.43 8.22 -27.35
C LEU A 295 -1.34 7.00 -28.28
N LYS A 296 -0.31 7.00 -29.12
CA LYS A 296 -0.04 5.90 -30.03
C LYS A 296 1.24 5.21 -29.58
N TYR A 297 1.14 3.91 -29.29
CA TYR A 297 2.29 3.14 -28.82
C TYR A 297 2.05 1.66 -29.10
N VAL A 298 3.13 0.90 -29.06
CA VAL A 298 3.10 -0.55 -29.24
C VAL A 298 3.68 -1.20 -27.99
N ASP A 299 2.94 -2.14 -27.42
CA ASP A 299 3.33 -2.83 -26.20
C ASP A 299 3.73 -4.26 -26.51
N VAL A 300 4.92 -4.65 -26.05
CA VAL A 300 5.43 -6.00 -26.23
C VAL A 300 6.04 -6.46 -24.91
N GLY A 301 5.72 -7.67 -24.49
CA GLY A 301 6.25 -8.19 -23.25
C GLY A 301 5.76 -9.59 -23.00
N ALA A 302 6.11 -10.10 -21.81
CA ALA A 302 5.72 -11.45 -21.41
C ALA A 302 5.53 -11.48 -19.90
N THR A 303 4.78 -12.49 -19.44
CA THR A 303 4.49 -12.65 -18.03
C THR A 303 4.73 -14.10 -17.64
N TYR A 304 5.50 -14.32 -16.57
CA TYR A 304 5.80 -15.65 -16.05
C TYR A 304 5.02 -15.85 -14.76
N TYR A 305 4.23 -16.93 -14.70
CA TYR A 305 3.41 -17.24 -13.55
C TYR A 305 4.07 -18.37 -12.76
N PHE A 306 4.67 -18.03 -11.61
CA PHE A 306 5.24 -19.06 -10.75
C PHE A 306 4.17 -19.98 -10.19
N ASN A 307 3.05 -19.41 -9.74
CA ASN A 307 1.94 -20.18 -9.20
C ASN A 307 0.69 -19.31 -9.29
N LYS A 308 -0.37 -19.72 -8.59
CA LYS A 308 -1.62 -18.97 -8.59
C LYS A 308 -1.64 -17.81 -7.61
N ASN A 309 -0.56 -17.62 -6.84
CA ASN A 309 -0.49 -16.55 -5.86
C ASN A 309 0.70 -15.62 -6.04
N MET A 310 1.65 -15.94 -6.92
CA MET A 310 2.82 -15.10 -7.14
C MET A 310 3.22 -15.18 -8.60
N SER A 311 3.50 -14.03 -9.21
CA SER A 311 3.90 -13.99 -10.61
C SER A 311 4.74 -12.74 -10.86
N THR A 312 5.48 -12.77 -11.97
CA THR A 312 6.30 -11.64 -12.39
C THR A 312 6.06 -11.39 -13.87
N TYR A 313 6.29 -10.14 -14.28
CA TYR A 313 6.05 -9.74 -15.66
C TYR A 313 7.11 -8.74 -16.10
N VAL A 314 7.29 -8.64 -17.41
CA VAL A 314 8.20 -7.68 -18.01
C VAL A 314 7.48 -7.01 -19.17
N ASP A 315 7.61 -5.69 -19.27
CA ASP A 315 6.91 -4.92 -20.28
C ASP A 315 7.88 -4.00 -21.01
N TYR A 316 7.56 -3.69 -22.26
CA TYR A 316 8.39 -2.81 -23.08
C TYR A 316 7.46 -2.04 -24.02
N LYS A 317 7.34 -0.73 -23.79
CA LYS A 317 6.46 0.12 -24.57
C LYS A 317 7.26 0.79 -25.68
N ILE A 318 6.78 0.65 -26.92
CA ILE A 318 7.41 1.26 -28.08
C ILE A 318 6.54 2.44 -28.49
N ASN A 319 6.97 3.65 -28.11
CA ASN A 319 6.22 4.86 -28.41
C ASN A 319 6.58 5.33 -29.82
N LEU A 320 5.63 5.19 -30.74
CA LEU A 320 5.83 5.63 -32.12
C LEU A 320 5.44 7.08 -32.35
N LEU A 321 4.93 7.77 -31.33
CA LEU A 321 4.54 9.16 -31.47
C LEU A 321 5.76 10.06 -31.55
N ASP A 322 5.58 11.22 -32.18
CA ASP A 322 6.64 12.20 -32.34
C ASP A 322 6.43 13.37 -31.37
N ASP A 323 7.52 14.08 -31.09
CA ASP A 323 7.50 15.22 -30.18
C ASP A 323 7.27 16.49 -30.99
N ASN A 324 6.09 17.08 -30.84
CA ASN A 324 5.76 18.31 -31.54
C ASN A 324 5.26 19.37 -30.56
N GLN A 325 4.75 20.49 -31.09
CA GLN A 325 4.25 21.55 -30.23
C GLN A 325 3.04 21.10 -29.43
N PHE A 326 2.16 20.30 -30.04
CA PHE A 326 0.98 19.82 -29.34
C PHE A 326 1.34 18.94 -28.16
N THR A 327 2.36 18.09 -28.33
CA THR A 327 2.76 17.20 -27.24
C THR A 327 3.31 17.98 -26.05
N ARG A 328 4.01 19.09 -26.32
CA ARG A 328 4.65 19.84 -25.24
C ARG A 328 3.63 20.41 -24.26
N ASP A 329 2.51 20.93 -24.77
CA ASP A 329 1.50 21.54 -23.92
C ASP A 329 0.41 20.58 -23.49
N ALA A 330 0.49 19.31 -23.90
CA ALA A 330 -0.51 18.31 -23.53
C ALA A 330 -0.03 17.33 -22.47
N GLY A 331 1.28 17.08 -22.39
CA GLY A 331 1.81 16.15 -21.42
C GLY A 331 1.60 14.70 -21.82
N ILE A 332 2.10 14.32 -22.99
CA ILE A 332 1.94 12.97 -23.52
C ILE A 332 3.32 12.35 -23.66
N ASN A 333 3.48 11.14 -23.11
CA ASN A 333 4.76 10.45 -23.18
C ASN A 333 5.04 10.01 -24.61
N THR A 334 6.22 10.33 -25.12
CA THR A 334 6.62 10.03 -26.48
C THR A 334 7.99 9.36 -26.52
N ASP A 335 8.26 8.46 -25.58
CA ASP A 335 9.51 7.73 -25.56
C ASP A 335 9.28 6.36 -24.94
N ASN A 336 10.21 5.44 -25.23
CA ASN A 336 10.09 4.08 -24.75
C ASN A 336 10.29 4.03 -23.24
N ILE A 337 9.45 3.24 -22.57
CA ILE A 337 9.51 3.06 -21.13
C ILE A 337 9.63 1.57 -20.83
N VAL A 338 10.56 1.21 -19.95
CA VAL A 338 10.75 -0.17 -19.51
C VAL A 338 10.27 -0.27 -18.07
N ALA A 339 9.32 -1.17 -17.83
CA ALA A 339 8.72 -1.35 -16.51
C ALA A 339 8.77 -2.82 -16.12
N LEU A 340 9.23 -3.08 -14.90
CA LEU A 340 9.29 -4.43 -14.35
C LEU A 340 8.74 -4.42 -12.93
N GLY A 341 8.05 -5.50 -12.56
CA GLY A 341 7.44 -5.58 -11.25
C GLY A 341 7.33 -7.02 -10.80
N LEU A 342 6.84 -7.20 -9.57
CA LEU A 342 6.66 -8.52 -8.98
C LEU A 342 5.43 -8.47 -8.08
N VAL A 343 4.32 -8.95 -8.60
CA VAL A 343 3.06 -8.92 -7.86
C VAL A 343 2.97 -10.15 -6.96
N TYR A 344 2.12 -10.06 -5.94
CA TYR A 344 1.90 -11.17 -5.02
C TYR A 344 0.44 -11.11 -4.56
N GLN A 345 -0.41 -11.97 -5.13
CA GLN A 345 -1.83 -11.98 -4.83
C GLN A 345 -2.10 -13.01 -3.73
N PHE A 346 -2.71 -12.57 -2.64
CA PHE A 346 -3.04 -13.45 -1.53
C PHE A 346 -4.55 -13.66 -1.43
N GLU B 2 -2.43 -15.50 12.28
CA GLU B 2 -2.72 -16.39 11.16
C GLU B 2 -4.23 -16.61 11.01
N VAL B 3 -4.82 -16.02 9.98
CA VAL B 3 -6.25 -16.12 9.73
C VAL B 3 -6.58 -16.95 8.49
N TYR B 4 -5.58 -17.26 7.66
CA TYR B 4 -5.83 -18.06 6.46
C TYR B 4 -4.60 -18.92 6.19
N ASN B 5 -4.82 -20.22 5.95
CA ASN B 5 -3.73 -21.15 5.65
C ASN B 5 -4.32 -22.29 4.83
N LYS B 6 -4.10 -22.24 3.51
CA LYS B 6 -4.60 -23.27 2.62
C LYS B 6 -3.69 -23.34 1.40
N ASP B 7 -3.63 -24.54 0.80
CA ASP B 7 -2.86 -24.86 -0.40
C ASP B 7 -1.48 -24.20 -0.39
N GLY B 8 -0.81 -24.21 0.75
CA GLY B 8 0.52 -23.64 0.90
C GLY B 8 0.55 -22.17 1.29
N ASN B 9 -0.39 -21.39 0.75
CA ASN B 9 -0.43 -19.96 1.06
C ASN B 9 -0.93 -19.75 2.48
N LYS B 10 -0.18 -18.98 3.27
CA LYS B 10 -0.54 -18.68 4.65
C LYS B 10 -0.47 -17.17 4.86
N LEU B 11 -1.52 -16.61 5.47
CA LEU B 11 -1.59 -15.20 5.77
C LEU B 11 -1.60 -15.01 7.28
N ASP B 12 -0.68 -14.18 7.78
CA ASP B 12 -0.54 -13.92 9.21
C ASP B 12 -0.76 -12.42 9.45
N LEU B 13 -1.99 -12.06 9.78
CA LEU B 13 -2.31 -10.68 10.08
C LEU B 13 -1.66 -10.27 11.41
N TYR B 14 -1.17 -9.03 11.46
CA TYR B 14 -0.52 -8.52 12.66
C TYR B 14 -0.71 -7.01 12.74
N GLY B 15 -0.53 -6.49 13.94
CA GLY B 15 -0.68 -5.05 14.17
C GLY B 15 -0.63 -4.74 15.64
N LYS B 16 -0.75 -3.45 15.93
CA LYS B 16 -0.72 -2.99 17.31
C LYS B 16 -1.46 -1.66 17.40
N VAL B 17 -2.09 -1.43 18.56
CA VAL B 17 -2.80 -0.19 18.86
C VAL B 17 -2.34 0.28 20.23
N ASP B 18 -1.78 1.48 20.28
CA ASP B 18 -1.28 2.04 21.53
C ASP B 18 -1.70 3.49 21.66
N GLY B 19 -2.14 3.86 22.87
CA GLY B 19 -2.48 5.23 23.17
C GLY B 19 -1.38 5.89 23.97
N LEU B 20 -0.78 6.93 23.38
CA LEU B 20 0.36 7.61 23.96
C LEU B 20 0.03 9.06 24.28
N HIS B 21 0.63 9.56 25.35
CA HIS B 21 0.49 10.96 25.76
C HIS B 21 1.85 11.46 26.24
N TYR B 22 2.21 12.66 25.81
CA TYR B 22 3.52 13.24 26.11
C TYR B 22 3.36 14.36 27.13
N PHE B 23 4.14 14.28 28.21
CA PHE B 23 4.17 15.30 29.25
C PHE B 23 5.56 15.92 29.26
N SER B 24 5.67 17.14 28.73
CA SER B 24 6.95 17.83 28.66
C SER B 24 6.72 19.33 28.66
N ASP B 25 7.77 20.07 29.00
CA ASP B 25 7.71 21.52 28.99
C ASP B 25 7.70 22.10 27.58
N ASN B 26 8.11 21.32 26.59
CA ASN B 26 8.11 21.78 25.21
C ASN B 26 6.70 21.73 24.65
N LYS B 27 6.22 22.86 24.15
CA LYS B 27 4.86 22.95 23.63
C LYS B 27 4.70 22.33 22.25
N ASP B 28 5.80 22.05 21.55
CA ASP B 28 5.73 21.48 20.22
C ASP B 28 5.69 19.95 20.21
N VAL B 29 5.84 19.31 21.37
CA VAL B 29 5.83 17.85 21.43
C VAL B 29 4.82 17.28 22.41
N ASP B 30 4.33 18.05 23.38
CA ASP B 30 3.39 17.53 24.35
C ASP B 30 2.00 17.39 23.74
N GLY B 31 1.22 16.45 24.29
CA GLY B 31 -0.13 16.20 23.85
C GLY B 31 -0.34 14.73 23.60
N ASP B 32 -1.43 14.41 22.90
CA ASP B 32 -1.77 13.03 22.60
C ASP B 32 -1.06 12.58 21.33
N GLN B 33 -0.47 11.39 21.37
CA GLN B 33 0.25 10.81 20.25
C GLN B 33 -0.24 9.38 19.99
N THR B 34 -1.55 9.18 20.04
CA THR B 34 -2.12 7.85 19.83
C THR B 34 -2.07 7.49 18.35
N TYR B 35 -1.42 6.37 18.04
CA TYR B 35 -1.31 5.87 16.68
C TYR B 35 -1.58 4.36 16.68
N MET B 36 -1.54 3.77 15.49
CA MET B 36 -1.78 2.33 15.36
C MET B 36 -1.07 1.83 14.11
N ARG B 37 -0.76 0.53 14.10
CA ARG B 37 -0.13 -0.13 12.98
C ARG B 37 -1.03 -1.25 12.48
N LEU B 38 -1.12 -1.39 11.16
CA LEU B 38 -1.96 -2.42 10.54
C LEU B 38 -1.25 -2.96 9.30
N GLY B 39 -1.30 -4.27 9.14
CA GLY B 39 -0.68 -4.90 8.00
C GLY B 39 -0.84 -6.41 8.07
N PHE B 40 -0.26 -7.07 7.08
CA PHE B 40 -0.29 -8.53 7.00
C PHE B 40 1.07 -9.05 6.59
N LYS B 41 1.36 -10.29 6.99
CA LYS B 41 2.61 -10.98 6.66
C LYS B 41 2.24 -12.32 6.04
N GLY B 42 2.02 -12.32 4.72
CA GLY B 42 1.64 -13.52 3.99
C GLY B 42 2.81 -14.13 3.24
N GLU B 43 2.79 -15.45 3.13
CA GLU B 43 3.84 -16.18 2.41
C GLU B 43 3.22 -17.40 1.74
N THR B 44 3.84 -17.83 0.64
CA THR B 44 3.38 -18.99 -0.11
C THR B 44 4.58 -19.82 -0.52
N GLN B 45 4.33 -21.13 -0.66
CA GLN B 45 5.37 -22.09 -1.06
C GLN B 45 5.05 -22.56 -2.48
N VAL B 46 5.86 -22.11 -3.45
CA VAL B 46 5.66 -22.53 -4.83
C VAL B 46 5.97 -24.00 -4.99
N THR B 47 7.10 -24.45 -4.45
CA THR B 47 7.49 -25.86 -4.49
C THR B 47 8.33 -26.16 -3.26
N ASP B 48 9.01 -27.31 -3.28
CA ASP B 48 9.83 -27.71 -2.14
C ASP B 48 11.12 -26.91 -2.05
N GLN B 49 11.53 -26.24 -3.13
CA GLN B 49 12.78 -25.48 -3.14
C GLN B 49 12.56 -24.01 -3.48
N LEU B 50 11.32 -23.53 -3.40
CA LEU B 50 11.02 -22.12 -3.68
C LEU B 50 9.87 -21.68 -2.79
N THR B 51 10.05 -20.53 -2.14
CA THR B 51 9.04 -19.98 -1.25
C THR B 51 8.89 -18.50 -1.52
N GLY B 52 7.65 -18.03 -1.65
CA GLY B 52 7.36 -16.63 -1.82
C GLY B 52 6.86 -16.01 -0.52
N TYR B 53 7.08 -14.71 -0.37
CA TYR B 53 6.67 -14.02 0.85
C TYR B 53 6.47 -12.55 0.54
N GLY B 54 5.76 -11.88 1.45
CA GLY B 54 5.52 -10.45 1.32
C GLY B 54 5.19 -9.85 2.67
N GLN B 55 5.34 -8.53 2.74
CA GLN B 55 5.10 -7.81 3.99
C GLN B 55 4.56 -6.42 3.68
N TRP B 56 3.52 -6.01 4.40
CA TRP B 56 2.94 -4.69 4.26
C TRP B 56 2.65 -4.13 5.64
N GLU B 57 2.78 -2.81 5.78
CA GLU B 57 2.53 -2.14 7.04
C GLU B 57 1.97 -0.76 6.78
N TYR B 58 1.06 -0.32 7.63
CA TYR B 58 0.45 1.00 7.52
C TYR B 58 0.31 1.61 8.91
N GLN B 59 0.78 2.84 9.07
CA GLN B 59 0.71 3.55 10.34
C GLN B 59 -0.34 4.65 10.22
N ILE B 60 -1.33 4.61 11.10
CA ILE B 60 -2.42 5.58 11.13
C ILE B 60 -2.40 6.27 12.48
N GLN B 61 -2.34 7.60 12.48
CA GLN B 61 -2.31 8.38 13.71
C GLN B 61 -3.73 8.68 14.14
N GLY B 62 -4.13 8.14 15.30
CA GLY B 62 -5.45 8.34 15.84
C GLY B 62 -5.64 9.60 16.66
N ASN B 63 -4.59 10.41 16.80
CA ASN B 63 -4.68 11.65 17.57
C ASN B 63 -5.12 12.84 16.73
N SER B 64 -5.25 12.67 15.41
CA SER B 64 -5.69 13.76 14.55
C SER B 64 -7.20 13.92 14.61
N ALA B 65 -7.67 15.07 14.13
CA ALA B 65 -9.09 15.37 14.13
C ALA B 65 -9.78 14.66 12.96
N GLU B 66 -11.08 14.89 12.82
CA GLU B 66 -11.87 14.25 11.78
C GLU B 66 -11.80 14.97 10.43
N ASN B 67 -11.20 16.14 10.38
CA ASN B 67 -11.08 16.92 9.14
C ASN B 67 -9.71 16.78 8.49
N GLU B 68 -8.86 15.89 8.99
CA GLU B 68 -7.53 15.70 8.43
C GLU B 68 -7.09 14.26 8.64
N ASN B 69 -6.13 13.83 7.83
CA ASN B 69 -5.59 12.47 7.89
C ASN B 69 -4.08 12.54 8.00
N ASN B 70 -3.51 11.69 8.86
CA ASN B 70 -2.08 11.61 9.09
C ASN B 70 -1.61 10.17 9.02
N SER B 71 -2.05 9.45 7.98
CA SER B 71 -1.71 8.05 7.80
C SER B 71 -0.65 7.90 6.71
N TRP B 72 0.29 6.99 6.93
CA TRP B 72 1.34 6.73 5.95
C TRP B 72 1.81 5.29 6.09
N THR B 73 2.47 4.80 5.05
CA THR B 73 3.00 3.44 5.02
C THR B 73 4.45 3.44 5.48
N ARG B 74 4.88 2.29 6.01
CA ARG B 74 6.23 2.13 6.54
C ARG B 74 7.08 1.19 5.67
N VAL B 75 6.61 -0.04 5.46
CA VAL B 75 7.34 -1.02 4.66
C VAL B 75 6.37 -1.75 3.75
N ALA B 76 6.77 -1.95 2.50
CA ALA B 76 5.96 -2.68 1.52
C ALA B 76 6.91 -3.27 0.48
N PHE B 77 7.18 -4.57 0.61
CA PHE B 77 8.12 -5.23 -0.29
C PHE B 77 7.68 -6.66 -0.52
N ALA B 78 8.14 -7.23 -1.63
CA ALA B 78 7.85 -8.61 -1.97
C ALA B 78 9.12 -9.26 -2.52
N GLY B 79 9.19 -10.58 -2.40
CA GLY B 79 10.35 -11.31 -2.88
C GLY B 79 10.14 -12.80 -2.78
N LEU B 80 11.15 -13.54 -3.19
CA LEU B 80 11.13 -15.00 -3.20
C LEU B 80 12.36 -15.53 -2.48
N LYS B 81 12.19 -16.61 -1.72
CA LYS B 81 13.28 -17.22 -0.99
C LYS B 81 13.34 -18.71 -1.33
N PHE B 82 14.54 -19.19 -1.64
CA PHE B 82 14.77 -20.59 -1.95
C PHE B 82 15.11 -21.34 -0.67
N GLN B 83 15.60 -22.57 -0.79
CA GLN B 83 15.91 -23.38 0.38
C GLN B 83 17.08 -22.78 1.16
N ASP B 84 18.26 -22.73 0.55
CA ASP B 84 19.39 -22.01 1.14
C ASP B 84 20.27 -21.50 0.00
N VAL B 85 19.99 -20.29 -0.46
CA VAL B 85 20.87 -19.57 -1.39
C VAL B 85 21.00 -18.14 -0.91
N GLY B 86 20.10 -17.73 0.00
CA GLY B 86 19.98 -16.38 0.47
C GLY B 86 18.54 -15.93 0.40
N SER B 87 18.34 -14.62 0.27
CA SER B 87 17.01 -14.06 0.14
C SER B 87 17.08 -12.75 -0.62
N PHE B 88 16.15 -12.54 -1.54
CA PHE B 88 16.09 -11.33 -2.35
C PHE B 88 14.67 -10.77 -2.31
N ASP B 89 14.57 -9.45 -2.16
CA ASP B 89 13.27 -8.78 -2.11
C ASP B 89 13.44 -7.36 -2.63
N TYR B 90 12.44 -6.87 -3.35
CA TYR B 90 12.43 -5.52 -3.90
C TYR B 90 11.20 -4.78 -3.43
N GLY B 91 11.38 -3.52 -3.05
CA GLY B 91 10.28 -2.70 -2.58
C GLY B 91 10.68 -1.77 -1.45
N ARG B 92 9.73 -1.45 -0.58
CA ARG B 92 9.98 -0.58 0.57
C ARG B 92 10.39 -1.45 1.75
N ASN B 93 11.66 -1.32 2.16
CA ASN B 93 12.19 -2.13 3.25
C ASN B 93 13.31 -1.35 3.92
N TYR B 94 13.71 -1.84 5.10
CA TYR B 94 14.77 -1.20 5.85
C TYR B 94 16.13 -1.44 5.18
N GLY B 95 17.07 -0.53 5.46
CA GLY B 95 18.39 -0.63 4.88
C GLY B 95 19.26 -1.67 5.55
N VAL B 96 20.42 -1.92 4.94
CA VAL B 96 21.37 -2.88 5.50
C VAL B 96 21.94 -2.38 6.81
N VAL B 97 22.13 -1.06 6.93
CA VAL B 97 22.64 -0.49 8.19
C VAL B 97 21.61 -0.68 9.30
N TYR B 98 20.32 -0.59 8.98
CA TYR B 98 19.28 -0.80 9.98
C TYR B 98 19.31 -2.21 10.57
N ASP B 99 19.81 -3.19 9.81
CA ASP B 99 19.93 -4.54 10.34
C ASP B 99 20.97 -4.64 11.45
N VAL B 100 21.91 -3.70 11.51
CA VAL B 100 22.94 -3.67 12.55
C VAL B 100 22.55 -2.76 13.70
N THR B 101 22.05 -1.56 13.39
CA THR B 101 21.65 -0.61 14.42
C THR B 101 20.40 -1.05 15.18
N SER B 102 19.69 -2.08 14.72
CA SER B 102 18.53 -2.57 15.42
C SER B 102 18.86 -3.26 16.74
N TRP B 103 20.14 -3.59 16.97
CA TRP B 103 20.52 -4.19 18.24
C TRP B 103 20.31 -3.24 19.41
N THR B 104 20.60 -1.96 19.21
CA THR B 104 20.39 -0.95 20.24
C THR B 104 18.99 -0.36 20.21
N ASP B 105 18.18 -0.70 19.21
CA ASP B 105 16.80 -0.21 19.12
C ASP B 105 15.87 -1.19 19.82
N VAL B 106 15.94 -1.16 21.16
CA VAL B 106 15.14 -2.05 22.01
C VAL B 106 14.17 -1.30 22.90
N LEU B 107 14.24 0.03 22.95
CA LEU B 107 13.32 0.79 23.77
C LEU B 107 11.89 0.70 23.20
N PRO B 108 10.87 0.75 24.07
CA PRO B 108 9.50 0.63 23.59
C PRO B 108 9.09 1.72 22.60
N GLU B 109 9.25 2.97 23.00
CA GLU B 109 8.86 4.10 22.16
C GLU B 109 10.02 4.99 21.76
N PHE B 110 10.87 5.36 22.72
CA PHE B 110 12.00 6.25 22.43
C PHE B 110 13.14 5.44 21.81
N GLY B 111 14.30 6.07 21.67
CA GLY B 111 15.46 5.42 21.11
C GLY B 111 15.54 5.57 19.60
N GLY B 112 16.77 5.46 19.09
CA GLY B 112 17.01 5.57 17.66
C GLY B 112 16.71 6.94 17.08
N ASP B 113 17.00 8.00 17.83
CA ASP B 113 16.75 9.36 17.38
C ASP B 113 17.94 9.96 16.63
N THR B 114 19.05 9.23 16.52
CA THR B 114 20.20 9.75 15.80
C THR B 114 19.99 9.78 14.29
N TYR B 115 19.08 8.97 13.77
CA TYR B 115 18.78 8.91 12.34
C TYR B 115 17.32 9.31 12.12
N GLY B 116 16.87 9.17 10.88
CA GLY B 116 15.50 9.51 10.53
C GLY B 116 15.02 8.69 9.35
N SER B 117 13.71 8.70 9.16
CA SER B 117 13.11 7.95 8.07
C SER B 117 13.46 8.58 6.72
N ASP B 118 13.63 7.73 5.71
CA ASP B 118 13.97 8.16 4.35
C ASP B 118 15.23 9.00 4.32
N ASN B 119 16.22 8.60 5.13
CA ASN B 119 17.51 9.29 5.20
C ASN B 119 18.58 8.31 4.72
N PHE B 120 18.80 8.30 3.41
CA PHE B 120 19.77 7.41 2.76
C PHE B 120 19.53 5.95 3.15
N MET B 121 20.60 5.22 3.40
CA MET B 121 20.52 3.81 3.78
C MET B 121 20.57 3.66 5.30
N GLN B 122 19.62 4.31 5.97
CA GLN B 122 19.54 4.26 7.42
C GLN B 122 18.18 3.78 7.94
N GLN B 123 17.10 4.01 7.22
CA GLN B 123 15.78 3.58 7.63
C GLN B 123 15.02 3.10 6.40
N ARG B 124 13.70 2.93 6.56
CA ARG B 124 12.86 2.47 5.45
C ARG B 124 12.81 3.53 4.36
N GLY B 125 13.00 3.10 3.11
CA GLY B 125 12.95 4.01 1.98
C GLY B 125 12.30 3.41 0.77
N ASN B 126 12.38 4.11 -0.37
CA ASN B 126 11.77 3.66 -1.62
C ASN B 126 12.85 3.18 -2.57
N GLY B 127 12.47 2.23 -3.42
CA GLY B 127 13.42 1.67 -4.39
C GLY B 127 14.56 0.90 -3.77
N PHE B 128 14.28 0.08 -2.75
CA PHE B 128 15.30 -0.69 -2.05
C PHE B 128 15.32 -2.10 -2.60
N ALA B 129 16.48 -2.52 -3.13
CA ALA B 129 16.69 -3.88 -3.60
C ALA B 129 17.74 -4.53 -2.71
N THR B 130 17.30 -5.42 -1.84
CA THR B 130 18.17 -6.05 -0.85
C THR B 130 18.34 -7.53 -1.16
N TYR B 131 19.58 -8.00 -1.13
CA TYR B 131 19.91 -9.41 -1.31
C TYR B 131 20.60 -9.89 -0.04
N ARG B 132 19.85 -10.58 0.82
CA ARG B 132 20.34 -11.03 2.12
C ARG B 132 20.63 -12.52 2.07
N ASN B 133 21.80 -12.91 2.57
CA ASN B 133 22.22 -14.30 2.63
C ASN B 133 22.33 -14.75 4.08
N THR B 134 21.77 -15.91 4.39
CA THR B 134 21.74 -16.43 5.75
C THR B 134 22.66 -17.64 5.87
N ASP B 135 23.43 -17.69 6.95
CA ASP B 135 24.33 -18.79 7.28
C ASP B 135 25.41 -18.99 6.23
N PHE B 136 25.70 -17.96 5.43
CA PHE B 136 26.74 -18.00 4.40
C PHE B 136 26.53 -19.18 3.46
N PHE B 137 25.36 -19.20 2.81
CA PHE B 137 24.96 -20.27 1.90
C PHE B 137 25.02 -21.64 2.58
N GLY B 138 24.62 -21.68 3.84
CA GLY B 138 24.60 -22.93 4.59
C GLY B 138 25.97 -23.52 4.85
N LEU B 139 26.98 -22.70 5.07
CA LEU B 139 28.33 -23.15 5.36
C LEU B 139 28.70 -22.97 6.83
N VAL B 140 28.60 -21.76 7.36
CA VAL B 140 28.90 -21.47 8.75
C VAL B 140 27.69 -20.79 9.38
N ASP B 141 27.28 -21.29 10.55
CA ASP B 141 26.10 -20.75 11.22
C ASP B 141 26.45 -19.44 11.91
N GLY B 142 25.61 -18.42 11.70
CA GLY B 142 25.78 -17.13 12.33
C GLY B 142 26.39 -16.06 11.45
N LEU B 143 27.04 -16.44 10.35
CA LEU B 143 27.69 -15.49 9.45
C LEU B 143 26.70 -15.13 8.34
N ASN B 144 26.26 -13.87 8.32
CA ASN B 144 25.32 -13.38 7.33
C ASN B 144 25.83 -12.07 6.74
N PHE B 145 25.47 -11.84 5.48
CA PHE B 145 25.83 -10.61 4.79
C PHE B 145 24.72 -10.24 3.81
N ALA B 146 24.65 -8.97 3.45
CA ALA B 146 23.61 -8.47 2.56
C ALA B 146 24.20 -7.42 1.63
N VAL B 147 23.64 -7.35 0.42
CA VAL B 147 24.00 -6.36 -0.59
C VAL B 147 22.74 -5.60 -0.97
N GLN B 148 22.83 -4.27 -0.96
CA GLN B 148 21.69 -3.42 -1.21
C GLN B 148 22.00 -2.41 -2.31
N TYR B 149 20.94 -1.87 -2.91
CA TYR B 149 21.04 -0.88 -3.97
C TYR B 149 20.06 0.24 -3.69
N GLN B 150 20.38 1.43 -4.20
CA GLN B 150 19.58 2.63 -3.97
C GLN B 150 19.18 3.24 -5.30
N GLY B 151 17.95 3.78 -5.35
CA GLY B 151 17.43 4.40 -6.54
C GLY B 151 17.96 5.81 -6.74
N LYS B 152 17.26 6.55 -7.60
CA LYS B 152 17.64 7.92 -7.96
C LYS B 152 16.47 8.87 -7.77
N ASN B 153 15.79 8.75 -6.63
CA ASN B 153 14.68 9.64 -6.32
C ASN B 153 15.21 11.07 -6.11
N GLY B 154 14.53 12.04 -6.70
CA GLY B 154 14.96 13.42 -6.61
C GLY B 154 13.83 14.42 -6.45
N ASN B 155 13.86 15.48 -7.25
CA ASN B 155 12.87 16.53 -7.15
C ASN B 155 11.51 16.02 -7.64
N PRO B 156 10.41 16.59 -7.15
CA PRO B 156 9.09 16.18 -7.64
C PRO B 156 8.90 16.54 -9.11
N SER B 157 8.15 15.68 -9.80
CA SER B 157 7.91 15.88 -11.23
C SER B 157 6.85 16.96 -11.48
N GLY B 158 5.84 17.03 -10.62
CA GLY B 158 4.73 17.94 -10.80
C GLY B 158 4.91 19.33 -10.22
N GLU B 159 6.12 19.67 -9.76
CA GLU B 159 6.38 20.98 -9.19
C GLU B 159 7.04 21.94 -10.18
N GLY B 160 7.12 21.56 -11.46
CA GLY B 160 7.69 22.43 -12.47
C GLY B 160 9.16 22.71 -12.31
N PHE B 161 9.96 21.70 -12.01
CA PHE B 161 11.40 21.85 -11.85
C PHE B 161 12.09 21.46 -13.15
N THR B 162 13.01 22.33 -13.61
CA THR B 162 13.72 22.09 -14.86
C THR B 162 14.90 21.13 -14.70
N SER B 163 15.28 20.78 -13.48
CA SER B 163 16.37 19.86 -13.24
C SER B 163 15.83 18.43 -13.23
N GLY B 164 16.67 17.48 -12.81
CA GLY B 164 16.25 16.10 -12.70
C GLY B 164 15.10 15.91 -11.73
N VAL B 165 14.03 15.26 -12.19
CA VAL B 165 12.82 15.09 -11.39
C VAL B 165 12.43 13.62 -11.39
N THR B 166 11.64 13.25 -10.37
CA THR B 166 11.16 11.90 -10.22
C THR B 166 9.67 11.94 -9.88
N ASN B 167 8.96 10.87 -10.25
CA ASN B 167 7.52 10.82 -10.02
C ASN B 167 7.19 10.85 -8.54
N ASN B 168 7.94 10.09 -7.73
CA ASN B 168 7.72 10.05 -6.28
C ASN B 168 8.63 11.04 -5.57
N GLY B 169 8.50 12.31 -5.96
CA GLY B 169 9.32 13.36 -5.39
C GLY B 169 8.85 13.79 -4.01
N ARG B 170 9.69 14.59 -3.37
CA ARG B 170 9.40 15.11 -2.03
C ARG B 170 10.20 16.39 -1.84
N ASP B 171 10.25 16.88 -0.60
CA ASP B 171 11.00 18.08 -0.29
C ASP B 171 12.50 17.81 -0.40
N ALA B 172 13.29 18.89 -0.36
CA ALA B 172 14.73 18.78 -0.48
C ALA B 172 15.37 18.39 0.85
N LEU B 173 14.89 17.30 1.45
CA LEU B 173 15.45 16.79 2.69
C LEU B 173 15.64 15.28 2.72
N ARG B 174 15.04 14.53 1.79
CA ARG B 174 15.16 13.08 1.76
C ARG B 174 15.67 12.54 0.44
N GLN B 175 16.04 13.41 -0.51
CA GLN B 175 16.52 12.95 -1.80
C GLN B 175 17.90 12.33 -1.68
N ASN B 176 18.20 11.40 -2.58
CA ASN B 176 19.49 10.73 -2.59
C ASN B 176 19.77 10.20 -3.99
N GLY B 177 21.04 9.90 -4.25
CA GLY B 177 21.48 9.39 -5.53
C GLY B 177 21.62 7.88 -5.53
N ASP B 178 22.23 7.38 -6.61
CA ASP B 178 22.45 5.95 -6.77
C ASP B 178 23.62 5.53 -5.88
N GLY B 179 23.33 4.68 -4.89
CA GLY B 179 24.35 4.21 -3.99
C GLY B 179 24.26 2.71 -3.77
N VAL B 180 25.42 2.10 -3.51
CA VAL B 180 25.52 0.67 -3.26
C VAL B 180 26.24 0.48 -1.92
N GLY B 181 25.66 -0.36 -1.06
CA GLY B 181 26.24 -0.62 0.24
C GLY B 181 26.11 -2.09 0.61
N GLY B 182 26.85 -2.47 1.64
CA GLY B 182 26.83 -3.83 2.13
C GLY B 182 27.14 -3.89 3.61
N SER B 183 26.75 -4.99 4.23
CA SER B 183 26.96 -5.19 5.66
C SER B 183 27.28 -6.65 5.91
N ILE B 184 27.96 -6.89 7.04
CA ILE B 184 28.33 -8.24 7.46
C ILE B 184 28.02 -8.38 8.95
N THR B 185 27.36 -9.47 9.32
CA THR B 185 26.99 -9.72 10.70
C THR B 185 27.45 -11.11 11.11
N TYR B 186 27.78 -11.25 12.39
CA TYR B 186 28.23 -12.51 12.96
C TYR B 186 27.44 -12.79 14.23
N ASP B 187 27.12 -14.07 14.45
CA ASP B 187 26.36 -14.49 15.61
C ASP B 187 27.11 -15.59 16.35
N TYR B 188 26.77 -15.75 17.62
CA TYR B 188 27.39 -16.75 18.48
C TYR B 188 26.42 -17.05 19.63
N GLU B 189 26.91 -17.78 20.63
CA GLU B 189 26.09 -18.14 21.79
C GLU B 189 25.97 -16.90 22.69
N GLY B 190 24.99 -16.07 22.39
CA GLY B 190 24.76 -14.86 23.15
C GLY B 190 25.50 -13.65 22.61
N PHE B 191 26.81 -13.77 22.48
CA PHE B 191 27.62 -12.66 21.98
C PHE B 191 27.40 -12.47 20.47
N GLY B 192 27.38 -11.21 20.05
CA GLY B 192 27.22 -10.90 18.64
C GLY B 192 28.04 -9.69 18.26
N ILE B 193 28.52 -9.71 17.01
CA ILE B 193 29.33 -8.62 16.48
C ILE B 193 29.02 -8.47 14.99
N GLY B 194 28.76 -7.24 14.57
CA GLY B 194 28.46 -6.97 13.17
C GLY B 194 28.88 -5.58 12.77
N GLY B 195 28.87 -5.34 11.46
CA GLY B 195 29.24 -4.05 10.93
C GLY B 195 28.45 -3.75 9.66
N ALA B 196 28.36 -2.46 9.34
CA ALA B 196 27.62 -2.00 8.18
C ALA B 196 28.43 -0.95 7.43
N ILE B 197 28.30 -0.95 6.11
CA ILE B 197 28.97 0.00 5.24
C ILE B 197 27.94 0.58 4.28
N SER B 198 27.84 1.90 4.23
CA SER B 198 26.89 2.59 3.37
C SER B 198 27.57 3.71 2.62
N SER B 199 27.15 3.92 1.38
CA SER B 199 27.70 4.99 0.54
C SER B 199 26.69 5.30 -0.55
N SER B 200 26.09 6.49 -0.48
CA SER B 200 25.07 6.90 -1.43
C SER B 200 25.40 8.27 -1.99
N LYS B 201 25.07 8.47 -3.26
CA LYS B 201 25.31 9.75 -3.92
C LYS B 201 24.29 10.78 -3.46
N ARG B 202 24.65 12.05 -3.63
CA ARG B 202 23.80 13.17 -3.26
C ARG B 202 23.36 13.93 -4.51
N THR B 203 22.08 14.28 -4.56
CA THR B 203 21.54 14.99 -5.71
C THR B 203 22.00 16.45 -5.71
N ASP B 204 21.85 17.09 -6.87
CA ASP B 204 22.24 18.48 -7.01
C ASP B 204 21.29 19.43 -6.30
N ALA B 205 20.07 18.98 -5.99
CA ALA B 205 19.11 19.84 -5.30
C ALA B 205 19.44 20.02 -3.83
N GLN B 206 20.34 19.21 -3.27
CA GLN B 206 20.70 19.32 -1.87
C GLN B 206 21.84 20.32 -1.62
N ASN B 207 22.42 20.88 -2.68
CA ASN B 207 23.51 21.83 -2.56
C ASN B 207 23.15 23.19 -3.16
N THR B 208 21.86 23.49 -3.29
CA THR B 208 21.45 24.77 -3.86
C THR B 208 21.49 25.88 -2.81
N ALA B 209 20.72 25.72 -1.74
CA ALA B 209 20.68 26.72 -0.67
C ALA B 209 21.78 26.43 0.35
N ALA B 210 21.76 27.14 1.47
CA ALA B 210 22.75 26.96 2.53
C ALA B 210 22.33 25.76 3.39
N TYR B 211 22.66 24.57 2.90
CA TYR B 211 22.32 23.32 3.58
C TYR B 211 23.46 22.80 4.45
N ILE B 212 24.53 23.58 4.61
CA ILE B 212 25.67 23.26 5.48
C ILE B 212 26.40 22.02 4.96
N GLY B 213 25.70 20.91 4.85
CA GLY B 213 26.31 19.68 4.38
C GLY B 213 26.22 19.49 2.88
N ASN B 214 27.32 19.74 2.19
CA ASN B 214 27.39 19.62 0.74
C ASN B 214 28.53 18.68 0.38
N GLY B 215 28.25 17.72 -0.49
CA GLY B 215 29.27 16.79 -0.92
C GLY B 215 28.79 15.94 -2.07
N ASP B 216 29.75 15.35 -2.78
CA ASP B 216 29.41 14.49 -3.92
C ASP B 216 28.86 13.15 -3.46
N ARG B 217 29.44 12.58 -2.41
CA ARG B 217 29.01 11.29 -1.88
C ARG B 217 28.82 11.40 -0.38
N ALA B 218 27.96 10.53 0.16
CA ALA B 218 27.64 10.49 1.59
C ALA B 218 27.95 9.08 2.09
N GLU B 219 29.18 8.89 2.56
CA GLU B 219 29.59 7.60 3.11
C GLU B 219 29.14 7.46 4.56
N THR B 220 28.97 6.22 4.98
CA THR B 220 28.51 5.93 6.33
C THR B 220 29.12 4.61 6.79
N TYR B 221 29.85 4.64 7.90
CA TYR B 221 30.44 3.45 8.50
C TYR B 221 29.75 3.19 9.84
N THR B 222 29.21 2.00 10.02
CA THR B 222 28.47 1.64 11.22
C THR B 222 29.05 0.36 11.81
N GLY B 223 29.42 0.41 13.09
CA GLY B 223 29.92 -0.76 13.78
C GLY B 223 29.31 -0.85 15.17
N GLY B 224 29.24 -2.08 15.67
CA GLY B 224 28.66 -2.31 16.98
C GLY B 224 28.70 -3.78 17.33
N LEU B 225 28.21 -4.07 18.53
CA LEU B 225 28.16 -5.43 19.04
C LEU B 225 26.94 -5.57 19.94
N LYS B 226 26.52 -6.82 20.14
CA LYS B 226 25.35 -7.12 20.95
C LYS B 226 25.62 -8.36 21.79
N TYR B 227 24.84 -8.52 22.86
CA TYR B 227 24.97 -9.66 23.76
C TYR B 227 23.59 -9.95 24.35
N ASP B 228 23.01 -11.09 23.98
CA ASP B 228 21.69 -11.51 24.44
C ASP B 228 21.79 -12.93 24.96
N ALA B 229 22.02 -13.08 26.26
CA ALA B 229 22.12 -14.39 26.88
C ALA B 229 21.75 -14.27 28.35
N ASN B 230 21.18 -15.36 28.89
CA ASN B 230 20.76 -15.44 30.29
C ASN B 230 19.80 -14.30 30.65
N ASN B 231 18.89 -13.98 29.73
CA ASN B 231 17.90 -12.92 29.90
C ASN B 231 18.54 -11.56 30.17
N ILE B 232 19.73 -11.34 29.61
CA ILE B 232 20.45 -10.08 29.74
C ILE B 232 20.68 -9.53 28.33
N TYR B 233 20.30 -8.26 28.14
CA TYR B 233 20.39 -7.61 26.83
C TYR B 233 21.35 -6.43 26.94
N LEU B 234 22.58 -6.61 26.44
CA LEU B 234 23.59 -5.56 26.41
C LEU B 234 24.08 -5.39 24.98
N ALA B 235 24.21 -4.13 24.56
CA ALA B 235 24.64 -3.84 23.19
C ALA B 235 25.29 -2.46 23.15
N ALA B 236 26.06 -2.23 22.10
CA ALA B 236 26.71 -0.94 21.88
C ALA B 236 26.86 -0.73 20.38
N GLN B 237 27.02 0.54 19.99
CA GLN B 237 27.12 0.88 18.58
C GLN B 237 27.78 2.25 18.45
N TYR B 238 28.80 2.32 17.59
CA TYR B 238 29.48 3.59 17.28
C TYR B 238 29.54 3.73 15.77
N THR B 239 28.97 4.82 15.26
CA THR B 239 28.90 5.07 13.82
C THR B 239 29.60 6.38 13.48
N GLN B 240 30.21 6.41 12.30
CA GLN B 240 30.86 7.60 11.76
C GLN B 240 30.26 7.88 10.39
N THR B 241 29.30 8.79 10.34
CA THR B 241 28.57 9.11 9.12
C THR B 241 28.99 10.49 8.62
N TYR B 242 29.27 10.58 7.33
CA TYR B 242 29.67 11.83 6.68
C TYR B 242 28.52 12.31 5.79
N ASN B 243 27.97 13.48 6.11
CA ASN B 243 26.88 14.08 5.34
C ASN B 243 25.68 13.13 5.23
N ALA B 244 25.40 12.41 6.31
CA ALA B 244 24.29 11.47 6.36
C ALA B 244 23.29 11.77 7.46
N THR B 245 23.76 12.16 8.65
CA THR B 245 22.87 12.46 9.76
C THR B 245 22.19 13.82 9.54
N ARG B 246 20.89 13.87 9.78
CA ARG B 246 20.12 15.09 9.61
C ARG B 246 20.15 15.91 10.90
N VAL B 247 20.69 17.13 10.82
CA VAL B 247 20.70 18.01 11.98
C VAL B 247 19.30 18.50 12.28
N GLY B 248 18.56 18.88 11.26
CA GLY B 248 17.21 19.39 11.44
C GLY B 248 16.76 20.24 10.27
N SER B 249 16.25 21.44 10.56
CA SER B 249 15.81 22.35 9.50
C SER B 249 16.96 23.11 8.86
N LEU B 250 18.18 22.99 9.39
CA LEU B 250 19.33 23.70 8.84
C LEU B 250 19.99 22.93 7.71
N GLY B 251 20.07 21.61 7.83
CA GLY B 251 20.69 20.80 6.79
C GLY B 251 21.27 19.50 7.30
N TRP B 252 22.51 19.20 6.91
CA TRP B 252 23.18 17.98 7.30
C TRP B 252 24.54 18.31 7.93
N ALA B 253 25.00 17.42 8.79
CA ALA B 253 26.28 17.59 9.47
C ALA B 253 27.39 16.94 8.64
N ASN B 254 28.51 17.66 8.52
CA ASN B 254 29.64 17.15 7.75
C ASN B 254 30.23 15.89 8.38
N LYS B 255 30.35 15.87 9.71
CA LYS B 255 30.92 14.74 10.42
C LYS B 255 30.21 14.60 11.76
N ALA B 256 29.64 13.42 12.01
CA ALA B 256 28.96 13.13 13.26
C ALA B 256 29.44 11.79 13.80
N GLN B 257 29.59 11.72 15.12
CA GLN B 257 30.05 10.51 15.80
C GLN B 257 28.94 10.07 16.76
N ASN B 258 28.02 9.26 16.24
CA ASN B 258 26.92 8.76 17.05
C ASN B 258 27.37 7.60 17.93
N PHE B 259 26.91 7.61 19.18
CA PHE B 259 27.22 6.56 20.14
C PHE B 259 26.00 6.28 21.00
N GLU B 260 25.63 5.02 21.11
CA GLU B 260 24.47 4.63 21.91
C GLU B 260 24.67 3.21 22.41
N ALA B 261 24.30 2.98 23.67
CA ALA B 261 24.39 1.66 24.29
C ALA B 261 23.14 1.41 25.12
N VAL B 262 22.77 0.14 25.24
CA VAL B 262 21.59 -0.26 25.98
C VAL B 262 21.98 -1.33 27.00
N ALA B 263 21.12 -1.50 28.01
CA ALA B 263 21.35 -2.48 29.06
C ALA B 263 20.00 -2.87 29.63
N GLN B 264 19.57 -4.10 29.36
CA GLN B 264 18.28 -4.60 29.83
C GLN B 264 18.47 -5.95 30.51
N TYR B 265 17.55 -6.27 31.41
CA TYR B 265 17.56 -7.55 32.13
C TYR B 265 16.12 -7.90 32.46
N GLN B 266 15.56 -8.85 31.72
CA GLN B 266 14.17 -9.23 31.89
C GLN B 266 14.02 -10.17 33.08
N PHE B 267 13.15 -9.80 34.02
CA PHE B 267 12.90 -10.63 35.19
C PHE B 267 11.91 -11.74 34.86
N ASP B 268 11.76 -12.68 35.80
CA ASP B 268 10.84 -13.79 35.60
C ASP B 268 9.38 -13.36 35.71
N PHE B 269 9.10 -12.27 36.42
CA PHE B 269 7.73 -11.79 36.54
C PHE B 269 7.24 -11.18 35.22
N GLY B 270 8.12 -10.48 34.51
CA GLY B 270 7.76 -9.85 33.26
C GLY B 270 8.32 -8.45 33.12
N LEU B 271 8.83 -7.90 34.22
CA LEU B 271 9.39 -6.56 34.18
C LEU B 271 10.72 -6.57 33.44
N ARG B 272 10.93 -5.59 32.56
CA ARG B 272 12.14 -5.48 31.77
C ARG B 272 12.69 -4.06 31.90
N PRO B 273 13.43 -3.78 32.98
CA PRO B 273 14.03 -2.45 33.14
C PRO B 273 15.04 -2.17 32.05
N SER B 274 15.14 -0.89 31.69
CA SER B 274 16.04 -0.46 30.63
C SER B 274 16.82 0.78 31.08
N LEU B 275 18.01 0.94 30.51
CA LEU B 275 18.86 2.09 30.82
C LEU B 275 19.77 2.31 29.62
N ALA B 276 19.52 3.37 28.85
CA ALA B 276 20.27 3.66 27.64
C ALA B 276 20.70 5.11 27.62
N TYR B 277 21.83 5.36 26.97
CA TYR B 277 22.38 6.70 26.80
C TYR B 277 22.72 6.93 25.34
N LEU B 278 22.46 8.14 24.86
CA LEU B 278 22.69 8.50 23.47
C LEU B 278 23.55 9.76 23.40
N GLN B 279 24.41 9.81 22.40
CA GLN B 279 25.29 10.95 22.20
C GLN B 279 25.51 11.16 20.72
N SER B 280 25.62 12.43 20.31
CA SER B 280 25.84 12.77 18.90
C SER B 280 26.61 14.09 18.87
N LYS B 281 27.92 14.01 18.65
CA LYS B 281 28.78 15.18 18.60
C LYS B 281 29.02 15.57 17.15
N GLY B 282 28.65 16.80 16.80
CA GLY B 282 28.84 17.30 15.44
C GLY B 282 30.21 17.92 15.27
N LYS B 283 30.80 17.67 14.08
CA LYS B 283 32.11 18.18 13.74
C LYS B 283 32.08 18.79 12.35
N ASN B 284 32.97 19.75 12.13
CA ASN B 284 33.07 20.45 10.83
C ASN B 284 31.74 21.07 10.42
N LEU B 285 31.03 21.64 11.40
CA LEU B 285 29.74 22.25 11.12
C LEU B 285 29.92 23.58 10.38
N GLY B 286 28.88 23.96 9.64
CA GLY B 286 28.88 25.21 8.91
C GLY B 286 28.12 26.31 9.63
N ARG B 287 27.94 27.43 8.92
CA ARG B 287 27.19 28.58 9.41
C ARG B 287 27.79 29.15 10.70
N GLY B 288 29.11 29.01 10.86
CA GLY B 288 29.81 29.55 12.00
C GLY B 288 29.96 28.61 13.17
N TYR B 289 29.18 27.54 13.23
CA TYR B 289 29.28 26.60 14.34
C TYR B 289 30.55 25.77 14.21
N ASP B 290 31.30 25.66 15.30
CA ASP B 290 32.56 24.91 15.30
C ASP B 290 32.34 23.47 15.77
N ASP B 291 31.84 23.29 16.99
CA ASP B 291 31.60 21.96 17.54
C ASP B 291 30.42 22.06 18.51
N GLU B 292 29.24 21.68 18.02
CA GLU B 292 28.02 21.70 18.82
C GLU B 292 27.36 20.33 18.78
N ASP B 293 26.89 19.88 19.94
CA ASP B 293 26.22 18.59 20.03
C ASP B 293 24.84 18.64 19.41
N ILE B 294 24.47 17.59 18.68
CA ILE B 294 23.17 17.52 18.04
C ILE B 294 22.16 16.79 18.91
N LEU B 295 22.53 15.63 19.44
CA LEU B 295 21.65 14.84 20.29
C LEU B 295 22.46 14.24 21.43
N LYS B 296 21.98 14.45 22.66
CA LYS B 296 22.66 13.90 23.84
C LYS B 296 21.63 13.78 24.96
N TYR B 297 21.25 12.55 25.28
CA TYR B 297 20.26 12.32 26.34
C TYR B 297 20.43 10.90 26.87
N VAL B 298 19.88 10.68 28.06
CA VAL B 298 19.87 9.37 28.70
C VAL B 298 18.42 9.00 28.99
N ASP B 299 18.01 7.81 28.57
CA ASP B 299 16.64 7.35 28.73
C ASP B 299 16.60 6.16 29.69
N VAL B 300 15.66 6.21 30.63
CA VAL B 300 15.47 5.14 31.61
C VAL B 300 13.98 4.79 31.64
N GLY B 301 13.68 3.51 31.65
CA GLY B 301 12.29 3.06 31.68
C GLY B 301 12.22 1.56 31.81
N ALA B 302 10.99 1.07 31.87
CA ALA B 302 10.74 -0.37 32.02
C ALA B 302 9.40 -0.71 31.38
N THR B 303 9.25 -2.00 31.06
CA THR B 303 8.02 -2.52 30.49
C THR B 303 7.66 -3.82 31.17
N TYR B 304 6.36 -4.13 31.20
CA TYR B 304 5.86 -5.33 31.89
C TYR B 304 4.78 -5.96 31.02
N TYR B 305 5.15 -6.97 30.25
CA TYR B 305 4.19 -7.72 29.46
C TYR B 305 3.27 -8.52 30.37
N PHE B 306 1.99 -8.61 30.01
CA PHE B 306 1.03 -9.32 30.84
C PHE B 306 1.12 -10.83 30.63
N ASN B 307 0.77 -11.29 29.44
CA ASN B 307 1.01 -12.69 29.07
C ASN B 307 1.95 -12.81 27.87
N LYS B 308 1.57 -12.25 26.71
CA LYS B 308 2.47 -12.24 25.56
C LYS B 308 2.47 -10.92 24.78
N ASN B 309 1.41 -10.11 24.83
CA ASN B 309 1.34 -8.92 23.99
C ASN B 309 0.99 -7.67 24.79
N MET B 310 0.14 -7.81 25.81
CA MET B 310 -0.31 -6.66 26.58
C MET B 310 0.78 -6.23 27.54
N SER B 311 1.22 -4.98 27.43
CA SER B 311 2.29 -4.47 28.26
C SER B 311 2.03 -3.00 28.58
N THR B 312 2.49 -2.59 29.75
CA THR B 312 2.43 -1.19 30.20
C THR B 312 3.85 -0.72 30.49
N TYR B 313 4.23 0.41 29.89
CA TYR B 313 5.58 0.92 30.01
C TYR B 313 5.55 2.41 30.35
N VAL B 314 6.59 2.85 31.08
CA VAL B 314 6.76 4.25 31.43
C VAL B 314 8.17 4.66 31.00
N ASP B 315 8.25 5.81 30.32
CA ASP B 315 9.51 6.32 29.80
C ASP B 315 9.81 7.68 30.40
N TYR B 316 11.11 7.92 30.64
CA TYR B 316 11.58 9.20 31.19
C TYR B 316 12.91 9.52 30.52
N LYS B 317 12.88 10.47 29.59
CA LYS B 317 14.06 10.90 28.84
C LYS B 317 14.67 12.12 29.51
N ILE B 318 15.92 12.01 29.94
CA ILE B 318 16.63 13.10 30.58
C ILE B 318 17.50 13.75 29.52
N ASN B 319 17.06 14.91 29.02
CA ASN B 319 17.79 15.63 27.99
C ASN B 319 18.90 16.45 28.63
N LEU B 320 20.15 16.11 28.31
CA LEU B 320 21.31 16.82 28.83
C LEU B 320 21.77 17.96 27.94
N LEU B 321 21.09 18.20 26.82
CA LEU B 321 21.45 19.27 25.92
C LEU B 321 21.10 20.62 26.53
N ASP B 322 21.81 21.66 26.08
CA ASP B 322 21.59 23.03 26.53
C ASP B 322 21.02 23.86 25.41
N ASP B 323 20.08 24.75 25.76
CA ASP B 323 19.43 25.60 24.76
C ASP B 323 20.37 26.72 24.33
N ASN B 324 20.52 26.89 23.03
CA ASN B 324 21.36 27.95 22.47
C ASN B 324 20.81 28.33 21.11
N GLN B 325 21.59 29.13 20.36
CA GLN B 325 21.15 29.55 19.03
C GLN B 325 21.11 28.38 18.06
N PHE B 326 22.06 27.45 18.15
CA PHE B 326 22.09 26.32 17.24
C PHE B 326 20.88 25.40 17.43
N THR B 327 20.51 25.15 18.69
CA THR B 327 19.37 24.28 18.96
C THR B 327 18.05 24.95 18.61
N ARG B 328 17.95 26.26 18.82
CA ARG B 328 16.70 26.97 18.51
C ARG B 328 16.45 27.00 17.01
N ASP B 329 17.49 27.20 16.21
CA ASP B 329 17.32 27.23 14.76
C ASP B 329 17.01 25.83 14.22
N ALA B 330 17.67 24.80 14.75
CA ALA B 330 17.43 23.45 14.28
C ALA B 330 16.05 22.95 14.71
N GLY B 331 15.63 23.27 15.93
CA GLY B 331 14.34 22.85 16.42
C GLY B 331 14.39 21.53 17.17
N ILE B 332 15.32 21.41 18.12
CA ILE B 332 15.51 20.21 18.90
C ILE B 332 15.16 20.52 20.35
N ASN B 333 14.30 19.69 20.94
CA ASN B 333 13.90 19.88 22.32
C ASN B 333 15.06 19.63 23.26
N THR B 334 15.20 20.48 24.27
CA THR B 334 16.27 20.39 25.26
C THR B 334 15.73 20.25 26.67
N ASP B 335 14.55 19.64 26.82
CA ASP B 335 13.92 19.46 28.12
C ASP B 335 13.47 18.01 28.27
N ASN B 336 13.34 17.58 29.52
CA ASN B 336 12.94 16.22 29.81
C ASN B 336 11.49 15.99 29.42
N ILE B 337 11.19 14.76 28.99
CA ILE B 337 9.86 14.36 28.57
C ILE B 337 9.54 13.01 29.17
N VAL B 338 8.35 12.87 29.75
CA VAL B 338 7.87 11.62 30.33
C VAL B 338 6.63 11.19 29.55
N ALA B 339 6.63 9.94 29.09
CA ALA B 339 5.55 9.41 28.28
C ALA B 339 4.97 8.14 28.90
N LEU B 340 3.68 7.94 28.69
CA LEU B 340 2.97 6.76 29.16
C LEU B 340 2.15 6.17 28.02
N GLY B 341 2.20 4.85 27.87
CA GLY B 341 1.52 4.18 26.79
C GLY B 341 0.99 2.83 27.21
N LEU B 342 0.10 2.29 26.36
CA LEU B 342 -0.51 0.98 26.59
C LEU B 342 -0.66 0.32 25.22
N VAL B 343 0.28 -0.54 24.86
CA VAL B 343 0.32 -1.17 23.55
C VAL B 343 -0.43 -2.49 23.60
N TYR B 344 -1.38 -2.66 22.67
CA TYR B 344 -2.15 -3.89 22.53
C TYR B 344 -1.83 -4.50 21.17
N GLN B 345 -1.21 -5.68 21.18
CA GLN B 345 -0.82 -6.37 19.96
C GLN B 345 -1.74 -7.55 19.70
N PHE B 346 -1.99 -7.80 18.42
CA PHE B 346 -2.86 -8.91 18.02
C PHE B 346 -2.31 -9.60 16.78
N GLU C 2 -15.27 -12.72 13.25
CA GLU C 2 -14.34 -13.56 13.99
C GLU C 2 -13.44 -14.34 13.05
N VAL C 3 -12.16 -13.96 13.01
CA VAL C 3 -11.17 -14.60 12.15
C VAL C 3 -10.06 -15.26 12.94
N TYR C 4 -10.05 -15.13 14.27
CA TYR C 4 -9.01 -15.74 15.10
C TYR C 4 -9.64 -16.13 16.43
N ASN C 5 -9.51 -17.40 16.80
CA ASN C 5 -10.05 -17.93 18.04
C ASN C 5 -9.01 -18.79 18.75
N LYS C 6 -7.79 -18.28 18.85
CA LYS C 6 -6.70 -18.99 19.49
C LYS C 6 -6.79 -18.81 21.01
N ASP C 7 -5.74 -19.24 21.71
CA ASP C 7 -5.70 -19.16 23.17
C ASP C 7 -5.51 -17.70 23.59
N GLY C 8 -6.60 -17.06 24.00
CA GLY C 8 -6.54 -15.68 24.43
C GLY C 8 -6.16 -14.70 23.34
N ASN C 9 -6.57 -14.95 22.10
CA ASN C 9 -6.30 -14.06 20.99
C ASN C 9 -7.54 -13.91 20.12
N LYS C 10 -8.70 -13.76 20.75
CA LYS C 10 -9.96 -13.65 20.02
C LYS C 10 -10.04 -12.31 19.30
N LEU C 11 -9.94 -12.35 17.97
CA LEU C 11 -10.03 -11.15 17.14
C LEU C 11 -11.29 -11.22 16.29
N ASP C 12 -12.09 -10.16 16.35
CA ASP C 12 -13.37 -10.09 15.62
C ASP C 12 -13.26 -8.98 14.59
N LEU C 13 -13.04 -9.37 13.33
CA LEU C 13 -12.98 -8.41 12.24
C LEU C 13 -14.39 -8.08 11.76
N TYR C 14 -14.70 -6.80 11.65
CA TYR C 14 -16.02 -6.34 11.25
C TYR C 14 -15.87 -5.17 10.28
N GLY C 15 -17.01 -4.61 9.88
CA GLY C 15 -17.02 -3.49 8.96
C GLY C 15 -18.29 -3.51 8.13
N LYS C 16 -18.47 -2.43 7.38
CA LYS C 16 -19.66 -2.30 6.54
C LYS C 16 -19.37 -1.31 5.42
N VAL C 17 -20.16 -1.41 4.35
CA VAL C 17 -20.11 -0.49 3.23
C VAL C 17 -21.53 -0.01 2.94
N ASP C 18 -21.69 1.31 2.83
CA ASP C 18 -23.00 1.92 2.65
C ASP C 18 -23.01 2.71 1.35
N GLY C 19 -23.96 2.39 0.47
CA GLY C 19 -24.17 3.17 -0.73
C GLY C 19 -25.42 4.00 -0.65
N LEU C 20 -25.28 5.31 -0.44
CA LEU C 20 -26.41 6.20 -0.22
C LEU C 20 -26.33 7.38 -1.18
N HIS C 21 -27.50 7.88 -1.57
CA HIS C 21 -27.63 9.03 -2.43
C HIS C 21 -28.58 10.04 -1.79
N TYR C 22 -28.35 11.32 -2.08
CA TYR C 22 -29.11 12.41 -1.51
C TYR C 22 -29.97 13.06 -2.58
N PHE C 23 -31.22 13.38 -2.23
CA PHE C 23 -32.16 14.05 -3.12
C PHE C 23 -32.72 15.26 -2.38
N SER C 24 -32.03 16.39 -2.50
CA SER C 24 -32.43 17.62 -1.83
C SER C 24 -32.32 18.78 -2.79
N ASP C 25 -33.13 19.82 -2.54
CA ASP C 25 -33.08 21.01 -3.38
C ASP C 25 -31.78 21.78 -3.16
N ASN C 26 -31.21 21.71 -1.97
CA ASN C 26 -29.95 22.39 -1.69
C ASN C 26 -28.80 21.69 -2.39
N LYS C 27 -27.94 22.47 -3.04
CA LYS C 27 -26.83 21.91 -3.80
C LYS C 27 -25.59 21.65 -2.94
N ASP C 28 -25.60 22.05 -1.68
CA ASP C 28 -24.43 21.85 -0.83
C ASP C 28 -24.25 20.39 -0.46
N VAL C 29 -25.36 19.64 -0.29
CA VAL C 29 -25.30 18.24 0.10
C VAL C 29 -25.92 17.32 -0.95
N ASP C 30 -26.32 17.85 -2.11
CA ASP C 30 -26.92 17.02 -3.14
C ASP C 30 -25.86 16.15 -3.80
N GLY C 31 -26.31 15.00 -4.32
CA GLY C 31 -25.44 14.06 -4.99
C GLY C 31 -25.22 12.79 -4.18
N ASP C 32 -24.17 12.07 -4.58
CA ASP C 32 -23.86 10.80 -3.93
C ASP C 32 -23.35 11.01 -2.52
N GLN C 33 -23.66 10.07 -1.63
CA GLN C 33 -23.24 10.14 -0.24
C GLN C 33 -22.74 8.80 0.27
N THR C 34 -22.15 7.99 -0.61
CA THR C 34 -21.65 6.68 -0.20
C THR C 34 -20.39 6.81 0.64
N TYR C 35 -20.18 5.83 1.51
CA TYR C 35 -19.00 5.80 2.37
C TYR C 35 -18.69 4.34 2.71
N MET C 36 -17.65 4.15 3.52
CA MET C 36 -17.22 2.81 3.90
C MET C 36 -16.56 2.87 5.28
N ARG C 37 -16.73 1.81 6.05
CA ARG C 37 -16.16 1.69 7.38
C ARG C 37 -15.44 0.37 7.51
N LEU C 38 -14.32 0.38 8.25
CA LEU C 38 -13.52 -0.82 8.45
C LEU C 38 -12.85 -0.74 9.81
N GLY C 39 -12.71 -1.90 10.46
CA GLY C 39 -12.06 -1.95 11.76
C GLY C 39 -12.09 -3.35 12.30
N PHE C 40 -11.53 -3.50 13.51
CA PHE C 40 -11.48 -4.78 14.19
C PHE C 40 -11.75 -4.56 15.68
N LYS C 41 -12.01 -5.66 16.38
CA LYS C 41 -12.29 -5.62 17.82
C LYS C 41 -11.71 -6.90 18.43
N GLY C 42 -10.49 -6.80 18.97
CA GLY C 42 -9.85 -7.94 19.56
C GLY C 42 -10.06 -8.03 21.07
N GLU C 43 -9.66 -9.17 21.63
CA GLU C 43 -9.77 -9.40 23.07
C GLU C 43 -8.75 -10.46 23.46
N THR C 44 -7.99 -10.18 24.53
CA THR C 44 -6.96 -11.08 25.01
C THR C 44 -7.29 -11.47 26.45
N GLN C 45 -7.40 -12.77 26.71
CA GLN C 45 -7.70 -13.29 28.04
C GLN C 45 -6.39 -13.60 28.74
N VAL C 46 -5.91 -12.66 29.55
CA VAL C 46 -4.65 -12.88 30.26
C VAL C 46 -4.82 -13.96 31.32
N THR C 47 -5.89 -13.89 32.11
CA THR C 47 -6.15 -14.86 33.15
C THR C 47 -7.66 -14.97 33.35
N ASP C 48 -8.07 -15.60 34.45
CA ASP C 48 -9.49 -15.78 34.71
C ASP C 48 -10.17 -14.49 35.18
N GLN C 49 -9.40 -13.51 35.64
CA GLN C 49 -9.96 -12.24 36.11
C GLN C 49 -9.58 -11.08 35.20
N LEU C 50 -8.30 -10.87 34.96
CA LEU C 50 -7.85 -9.80 34.08
C LEU C 50 -8.01 -10.20 32.61
N THR C 51 -8.49 -9.27 31.80
CA THR C 51 -8.72 -9.54 30.39
C THR C 51 -8.45 -8.27 29.59
N GLY C 52 -7.56 -8.36 28.61
CA GLY C 52 -7.26 -7.23 27.75
C GLY C 52 -8.12 -7.21 26.49
N TYR C 53 -8.33 -6.01 25.97
CA TYR C 53 -9.14 -5.85 24.77
C TYR C 53 -8.73 -4.56 24.07
N GLY C 54 -9.12 -4.46 22.80
CA GLY C 54 -8.83 -3.28 22.01
C GLY C 54 -9.80 -3.15 20.87
N GLN C 55 -10.08 -1.91 20.48
CA GLN C 55 -11.02 -1.62 19.41
C GLN C 55 -10.42 -0.59 18.46
N TRP C 56 -10.78 -0.69 17.19
CA TRP C 56 -10.33 0.22 16.17
C TRP C 56 -11.36 0.30 15.06
N GLU C 57 -11.48 1.48 14.45
CA GLU C 57 -12.45 1.70 13.39
C GLU C 57 -11.95 2.82 12.49
N TYR C 58 -11.94 2.56 11.18
CA TYR C 58 -11.51 3.54 10.18
C TYR C 58 -12.63 3.75 9.17
N GLN C 59 -12.85 5.01 8.80
CA GLN C 59 -13.88 5.37 7.84
C GLN C 59 -13.22 5.93 6.59
N ILE C 60 -13.53 5.33 5.44
CA ILE C 60 -13.00 5.76 4.16
C ILE C 60 -14.16 6.20 3.29
N GLN C 61 -14.11 7.43 2.82
CA GLN C 61 -15.18 7.99 1.99
C GLN C 61 -14.84 7.80 0.51
N GLY C 62 -15.70 7.13 -0.21
CA GLY C 62 -15.54 6.92 -1.65
C GLY C 62 -16.20 7.95 -2.52
N ASN C 63 -16.71 9.04 -1.94
CA ASN C 63 -17.38 10.06 -2.73
C ASN C 63 -16.40 10.84 -3.60
N SER C 64 -15.15 10.99 -3.15
CA SER C 64 -14.14 11.73 -3.90
C SER C 64 -13.64 10.89 -5.08
N ALA C 65 -12.83 11.52 -5.92
CA ALA C 65 -12.27 10.86 -7.09
C ALA C 65 -10.96 10.17 -6.71
N GLU C 66 -10.22 9.69 -7.71
CA GLU C 66 -8.96 9.00 -7.47
C GLU C 66 -7.80 9.95 -7.23
N ASN C 67 -7.99 11.24 -7.40
CA ASN C 67 -6.93 12.23 -7.18
C ASN C 67 -6.90 12.78 -5.77
N GLU C 68 -7.84 12.36 -4.90
CA GLU C 68 -7.88 12.84 -3.53
C GLU C 68 -8.49 11.77 -2.66
N ASN C 69 -8.21 11.86 -1.35
CA ASN C 69 -8.70 10.91 -0.37
C ASN C 69 -9.24 11.65 0.85
N ASN C 70 -10.36 11.18 1.37
CA ASN C 70 -10.98 11.75 2.56
C ASN C 70 -11.26 10.62 3.55
N SER C 71 -10.39 10.47 4.54
CA SER C 71 -10.53 9.41 5.53
C SER C 71 -10.22 9.97 6.91
N TRP C 72 -10.81 9.35 7.93
CA TRP C 72 -10.59 9.77 9.30
C TRP C 72 -10.80 8.57 10.22
N THR C 73 -10.24 8.67 11.43
CA THR C 73 -10.33 7.62 12.44
C THR C 73 -11.46 7.96 13.40
N ARG C 74 -12.43 7.04 13.53
CA ARG C 74 -13.57 7.28 14.41
C ARG C 74 -13.22 6.98 15.86
N VAL C 75 -12.86 5.73 16.15
CA VAL C 75 -12.50 5.32 17.51
C VAL C 75 -11.26 4.45 17.44
N ALA C 76 -10.33 4.68 18.37
CA ALA C 76 -9.10 3.90 18.45
C ALA C 76 -8.62 3.95 19.89
N PHE C 77 -8.87 2.88 20.64
CA PHE C 77 -8.52 2.85 22.06
C PHE C 77 -8.17 1.42 22.45
N ALA C 78 -7.44 1.29 23.55
CA ALA C 78 -7.07 -0.01 24.09
C ALA C 78 -7.00 0.10 25.61
N GLY C 79 -7.12 -1.05 26.26
CA GLY C 79 -7.10 -1.07 27.71
C GLY C 79 -7.34 -2.47 28.23
N LEU C 80 -7.47 -2.55 29.56
CA LEU C 80 -7.70 -3.81 30.25
C LEU C 80 -9.07 -3.81 30.92
N LYS C 81 -9.67 -5.00 31.00
CA LYS C 81 -10.98 -5.18 31.62
C LYS C 81 -10.85 -6.26 32.69
N PHE C 82 -11.06 -5.87 33.94
CA PHE C 82 -10.95 -6.80 35.06
C PHE C 82 -12.31 -7.44 35.32
N GLN C 83 -12.44 -8.15 36.44
CA GLN C 83 -13.65 -8.89 36.77
C GLN C 83 -14.33 -8.25 37.99
N ASP C 84 -15.61 -7.92 37.83
CA ASP C 84 -16.49 -7.44 38.91
C ASP C 84 -15.89 -6.28 39.72
N VAL C 85 -14.91 -5.58 39.17
CA VAL C 85 -14.36 -4.40 39.84
C VAL C 85 -14.30 -3.18 38.94
N GLY C 86 -14.37 -3.32 37.63
CA GLY C 86 -14.36 -2.19 36.71
C GLY C 86 -13.45 -2.47 35.54
N SER C 87 -13.23 -1.44 34.73
CA SER C 87 -12.37 -1.55 33.56
C SER C 87 -11.87 -0.16 33.20
N PHE C 88 -10.62 -0.11 32.72
CA PHE C 88 -9.99 1.14 32.34
C PHE C 88 -9.34 1.00 30.96
N ASP C 89 -9.51 2.03 30.13
CA ASP C 89 -8.93 2.04 28.81
C ASP C 89 -8.59 3.48 28.43
N TYR C 90 -7.62 3.63 27.53
CA TYR C 90 -7.17 4.93 27.08
C TYR C 90 -7.05 4.94 25.56
N GLY C 91 -7.42 6.05 24.94
CA GLY C 91 -7.35 6.21 23.51
C GLY C 91 -8.53 7.01 23.01
N ARG C 92 -8.82 6.86 21.73
CA ARG C 92 -9.92 7.57 21.08
C ARG C 92 -11.21 6.76 21.29
N ASN C 93 -12.11 7.29 22.10
CA ASN C 93 -13.36 6.62 22.41
C ASN C 93 -14.46 7.67 22.57
N TYR C 94 -15.69 7.19 22.76
CA TYR C 94 -16.82 8.09 22.94
C TYR C 94 -16.87 8.60 24.38
N GLY C 95 -17.53 9.76 24.55
CA GLY C 95 -17.65 10.35 25.86
C GLY C 95 -18.71 9.70 26.71
N VAL C 96 -18.75 10.12 27.98
CA VAL C 96 -19.75 9.60 28.90
C VAL C 96 -21.14 10.10 28.54
N VAL C 97 -21.23 11.31 28.00
CA VAL C 97 -22.53 11.85 27.60
C VAL C 97 -23.11 11.07 26.43
N TYR C 98 -22.25 10.63 25.51
CA TYR C 98 -22.72 9.86 24.36
C TYR C 98 -23.27 8.50 24.75
N ASP C 99 -22.92 8.00 25.94
CA ASP C 99 -23.46 6.71 26.38
C ASP C 99 -24.96 6.76 26.59
N VAL C 100 -25.48 7.90 27.06
CA VAL C 100 -26.91 8.05 27.26
C VAL C 100 -27.60 8.58 26.00
N THR C 101 -26.95 9.50 25.29
CA THR C 101 -27.53 10.06 24.07
C THR C 101 -27.66 9.03 22.96
N SER C 102 -26.86 7.95 23.01
CA SER C 102 -26.93 6.93 21.97
C SER C 102 -28.26 6.18 21.98
N TRP C 103 -29.00 6.20 23.10
CA TRP C 103 -30.29 5.55 23.14
C TRP C 103 -31.27 6.22 22.19
N THR C 104 -31.29 7.55 22.16
CA THR C 104 -32.15 8.27 21.24
C THR C 104 -31.62 8.23 19.81
N ASP C 105 -30.29 8.26 19.64
CA ASP C 105 -29.67 8.26 18.32
C ASP C 105 -29.72 6.84 17.77
N VAL C 106 -30.90 6.44 17.29
CA VAL C 106 -31.12 5.14 16.68
C VAL C 106 -31.60 5.25 15.24
N LEU C 107 -31.56 6.45 14.67
CA LEU C 107 -31.97 6.63 13.29
C LEU C 107 -30.98 5.96 12.33
N PRO C 108 -31.45 5.49 11.17
CA PRO C 108 -30.55 4.80 10.24
C PRO C 108 -29.40 5.68 9.74
N GLU C 109 -29.74 6.85 9.21
CA GLU C 109 -28.75 7.76 8.63
C GLU C 109 -28.67 9.09 9.36
N PHE C 110 -29.80 9.73 9.62
CA PHE C 110 -29.81 11.03 10.28
C PHE C 110 -29.69 10.85 11.79
N GLY C 111 -29.89 11.93 12.53
CA GLY C 111 -29.81 11.87 13.98
C GLY C 111 -28.43 12.24 14.50
N GLY C 112 -28.41 12.75 15.73
CA GLY C 112 -27.16 13.15 16.34
C GLY C 112 -26.53 14.39 15.75
N ASP C 113 -27.31 15.25 15.10
CA ASP C 113 -26.79 16.46 14.50
C ASP C 113 -26.61 17.59 15.50
N THR C 114 -27.11 17.45 16.73
CA THR C 114 -26.94 18.48 17.74
C THR C 114 -25.47 18.66 18.11
N TYR C 115 -24.75 17.55 18.26
CA TYR C 115 -23.34 17.59 18.61
C TYR C 115 -22.48 17.39 17.37
N GLY C 116 -21.17 17.66 17.52
CA GLY C 116 -20.24 17.53 16.43
C GLY C 116 -19.01 16.76 16.86
N SER C 117 -18.14 16.49 15.89
CA SER C 117 -16.91 15.76 16.16
C SER C 117 -15.97 16.61 17.00
N ASP C 118 -15.38 15.99 18.03
CA ASP C 118 -14.43 16.66 18.93
C ASP C 118 -15.06 17.89 19.58
N ASN C 119 -16.35 17.80 19.90
CA ASN C 119 -17.08 18.90 20.54
C ASN C 119 -17.15 18.62 22.04
N PHE C 120 -16.01 18.84 22.70
CA PHE C 120 -15.85 18.62 24.15
C PHE C 120 -16.21 17.16 24.44
N MET C 121 -16.93 16.88 25.51
CA MET C 121 -17.31 15.49 25.85
C MET C 121 -18.72 15.20 25.35
N GLN C 122 -18.86 15.22 24.02
CA GLN C 122 -20.14 14.90 23.37
C GLN C 122 -20.04 13.82 22.32
N GLN C 123 -18.88 13.58 21.73
CA GLN C 123 -18.71 12.56 20.71
C GLN C 123 -17.29 12.03 20.79
N ARG C 124 -16.85 11.33 19.75
CA ARG C 124 -15.50 10.79 19.73
C ARG C 124 -14.46 11.91 19.78
N GLY C 125 -13.36 11.67 20.49
CA GLY C 125 -12.32 12.65 20.64
C GLY C 125 -10.98 11.97 20.91
N ASN C 126 -9.94 12.78 20.97
CA ASN C 126 -8.57 12.31 21.17
C ASN C 126 -8.14 12.54 22.60
N GLY C 127 -7.51 11.52 23.19
CA GLY C 127 -7.03 11.62 24.56
C GLY C 127 -8.13 11.53 25.60
N PHE C 128 -8.81 10.39 25.65
CA PHE C 128 -9.89 10.15 26.60
C PHE C 128 -9.49 9.04 27.55
N ALA C 129 -9.58 9.31 28.85
CA ALA C 129 -9.28 8.34 29.89
C ALA C 129 -10.60 7.90 30.52
N THR C 130 -11.18 6.85 29.98
CA THR C 130 -12.49 6.35 30.40
C THR C 130 -12.32 5.21 31.40
N TYR C 131 -13.03 5.30 32.52
CA TYR C 131 -13.07 4.24 33.52
C TYR C 131 -14.50 3.75 33.63
N ARG C 132 -14.73 2.49 33.27
CA ARG C 132 -16.06 1.90 33.23
C ARG C 132 -16.17 0.80 34.27
N ASN C 133 -17.27 0.81 35.02
CA ASN C 133 -17.56 -0.22 36.02
C ASN C 133 -18.87 -0.90 35.67
N THR C 134 -18.90 -2.22 35.80
CA THR C 134 -20.05 -3.03 35.43
C THR C 134 -20.77 -3.53 36.67
N ASP C 135 -22.09 -3.34 36.70
CA ASP C 135 -22.96 -3.84 37.76
C ASP C 135 -22.61 -3.28 39.14
N PHE C 136 -21.98 -2.11 39.17
CA PHE C 136 -21.61 -1.42 40.41
C PHE C 136 -20.78 -2.34 41.31
N PHE C 137 -19.64 -2.79 40.76
CA PHE C 137 -18.73 -3.70 41.45
C PHE C 137 -19.44 -4.98 41.88
N GLY C 138 -20.33 -5.47 41.03
CA GLY C 138 -21.05 -6.70 41.31
C GLY C 138 -22.00 -6.62 42.49
N LEU C 139 -22.70 -5.49 42.65
CA LEU C 139 -23.65 -5.30 43.74
C LEU C 139 -25.09 -5.33 43.27
N VAL C 140 -25.42 -4.54 42.24
CA VAL C 140 -26.78 -4.48 41.71
C VAL C 140 -26.71 -4.65 40.19
N ASP C 141 -27.85 -5.05 39.62
CA ASP C 141 -27.96 -5.29 38.19
C ASP C 141 -28.63 -4.12 37.50
N GLY C 142 -27.96 -3.58 36.48
CA GLY C 142 -28.49 -2.48 35.70
C GLY C 142 -27.96 -1.11 36.08
N LEU C 143 -27.37 -0.98 37.28
CA LEU C 143 -26.84 0.30 37.74
C LEU C 143 -25.37 0.38 37.33
N ASN C 144 -25.11 1.09 36.23
CA ASN C 144 -23.76 1.27 35.71
C ASN C 144 -23.37 2.74 35.78
N PHE C 145 -22.12 2.99 36.18
CA PHE C 145 -21.59 4.35 36.25
C PHE C 145 -20.18 4.36 35.70
N ALA C 146 -19.76 5.52 35.21
CA ALA C 146 -18.44 5.66 34.60
C ALA C 146 -17.98 7.10 34.73
N VAL C 147 -16.67 7.29 34.59
CA VAL C 147 -16.05 8.60 34.62
C VAL C 147 -15.10 8.71 33.43
N GLN C 148 -14.76 9.95 33.09
CA GLN C 148 -13.92 10.21 31.92
C GLN C 148 -13.07 11.44 32.17
N TYR C 149 -11.96 11.53 31.44
CA TYR C 149 -11.06 12.67 31.48
C TYR C 149 -10.69 13.06 30.06
N GLN C 150 -10.50 14.37 29.84
CA GLN C 150 -10.19 14.91 28.54
C GLN C 150 -8.89 15.71 28.60
N GLY C 151 -8.00 15.46 27.64
CA GLY C 151 -6.76 16.19 27.57
C GLY C 151 -6.91 17.58 26.98
N LYS C 152 -5.83 18.35 27.05
CA LYS C 152 -5.82 19.71 26.54
C LYS C 152 -5.23 19.73 25.13
N ASN C 153 -5.97 20.30 24.19
CA ASN C 153 -5.55 20.43 22.81
C ASN C 153 -5.54 21.90 22.41
N GLY C 154 -4.47 22.34 21.76
CA GLY C 154 -4.32 23.72 21.35
C GLY C 154 -4.02 23.82 19.86
N ASN C 155 -3.30 24.88 19.50
CA ASN C 155 -2.96 25.14 18.11
C ASN C 155 -1.87 24.18 17.63
N PRO C 156 -1.85 23.89 16.33
CA PRO C 156 -0.81 23.02 15.79
C PRO C 156 0.58 23.67 15.91
N SER C 157 1.59 22.82 16.04
CA SER C 157 2.96 23.28 16.18
C SER C 157 3.59 23.67 14.85
N GLY C 158 2.97 23.31 13.72
CA GLY C 158 3.54 23.68 12.43
C GLY C 158 3.53 25.18 12.20
N GLU C 159 2.43 25.84 12.52
CA GLU C 159 2.31 27.28 12.35
C GLU C 159 2.59 27.99 13.67
N GLY C 160 3.08 29.23 13.56
CA GLY C 160 3.39 30.01 14.73
C GLY C 160 2.17 30.65 15.37
N PHE C 161 1.75 30.12 16.51
CA PHE C 161 0.58 30.65 17.21
C PHE C 161 0.90 30.93 18.67
N THR C 162 1.89 30.22 19.20
CA THR C 162 2.31 30.32 20.61
C THR C 162 1.11 30.01 21.51
N SER C 163 1.10 30.56 22.72
CA SER C 163 0.06 30.31 23.73
C SER C 163 -0.08 28.80 23.90
N GLY C 164 -1.27 28.23 23.75
CA GLY C 164 -1.44 26.79 23.88
C GLY C 164 -1.11 26.05 22.61
N VAL C 165 0.00 25.31 22.62
CA VAL C 165 0.47 24.56 21.46
C VAL C 165 0.47 23.08 21.82
N THR C 166 -0.10 22.25 20.94
CA THR C 166 -0.13 20.81 21.14
C THR C 166 0.27 20.12 19.83
N ASN C 167 0.78 18.90 19.97
CA ASN C 167 1.19 18.13 18.79
C ASN C 167 -0.01 17.78 17.92
N ASN C 168 -1.13 17.42 18.54
CA ASN C 168 -2.35 17.07 17.80
C ASN C 168 -3.24 18.31 17.63
N GLY C 169 -2.66 19.32 16.99
CA GLY C 169 -3.37 20.56 16.77
C GLY C 169 -4.47 20.40 15.74
N ARG C 170 -5.49 21.27 15.85
CA ARG C 170 -6.62 21.27 14.93
C ARG C 170 -7.15 22.69 14.82
N ASP C 171 -8.34 22.83 14.27
CA ASP C 171 -8.97 24.14 14.12
C ASP C 171 -9.47 24.63 15.48
N ALA C 172 -9.82 25.93 15.51
CA ALA C 172 -10.31 26.53 16.74
C ALA C 172 -11.69 26.04 17.15
N LEU C 173 -12.42 25.38 16.25
CA LEU C 173 -13.75 24.87 16.55
C LEU C 173 -13.72 23.50 17.20
N ARG C 174 -12.55 22.89 17.36
CA ARG C 174 -12.44 21.58 17.97
C ARG C 174 -11.49 21.54 19.17
N GLN C 175 -10.89 22.67 19.53
CA GLN C 175 -9.98 22.70 20.67
C GLN C 175 -10.74 22.53 21.97
N ASN C 176 -10.08 21.91 22.95
CA ASN C 176 -10.67 21.67 24.25
C ASN C 176 -9.58 21.66 25.31
N GLY C 177 -9.97 21.89 26.55
CA GLY C 177 -9.06 21.91 27.67
C GLY C 177 -9.16 20.68 28.54
N ASP C 178 -8.60 20.76 29.73
CA ASP C 178 -8.60 19.66 30.69
C ASP C 178 -9.87 19.71 31.53
N GLY C 179 -10.70 18.68 31.42
CA GLY C 179 -11.93 18.61 32.17
C GLY C 179 -12.16 17.22 32.74
N VAL C 180 -13.09 17.14 33.68
CA VAL C 180 -13.45 15.89 34.34
C VAL C 180 -14.97 15.73 34.26
N GLY C 181 -15.42 14.53 33.88
CA GLY C 181 -16.84 14.26 33.76
C GLY C 181 -17.16 12.87 34.26
N GLY C 182 -18.45 12.67 34.57
CA GLY C 182 -18.93 11.39 35.06
C GLY C 182 -20.36 11.16 34.61
N SER C 183 -20.78 9.91 34.74
CA SER C 183 -22.12 9.52 34.35
C SER C 183 -22.57 8.33 35.20
N ILE C 184 -23.89 8.21 35.36
CA ILE C 184 -24.48 7.10 36.09
C ILE C 184 -25.83 6.75 35.48
N THR C 185 -26.01 5.50 35.09
CA THR C 185 -27.25 5.04 34.46
C THR C 185 -27.78 3.83 35.22
N TYR C 186 -29.11 3.75 35.29
CA TYR C 186 -29.79 2.62 35.91
C TYR C 186 -30.75 2.02 34.89
N ASP C 187 -30.63 0.72 34.65
CA ASP C 187 -31.42 0.02 33.64
C ASP C 187 -32.21 -1.10 34.31
N TYR C 188 -33.53 -0.98 34.28
CA TYR C 188 -34.41 -2.03 34.77
C TYR C 188 -34.87 -2.87 33.58
N GLU C 189 -35.76 -3.83 33.82
CA GLU C 189 -36.28 -4.64 32.72
C GLU C 189 -37.30 -3.83 31.92
N GLY C 190 -37.14 -3.83 30.60
CA GLY C 190 -38.02 -3.09 29.73
C GLY C 190 -37.70 -1.61 29.66
N PHE C 191 -37.81 -0.92 30.79
CA PHE C 191 -37.57 0.52 30.85
C PHE C 191 -36.09 0.80 31.10
N GLY C 192 -35.75 2.08 31.14
CA GLY C 192 -34.38 2.50 31.38
C GLY C 192 -34.23 4.01 31.49
N ILE C 193 -33.48 4.47 32.48
CA ILE C 193 -33.25 5.89 32.71
C ILE C 193 -31.75 6.12 32.86
N GLY C 194 -31.23 7.12 32.15
CA GLY C 194 -29.83 7.45 32.20
C GLY C 194 -29.60 8.94 32.31
N GLY C 195 -28.41 9.29 32.77
CA GLY C 195 -28.02 10.68 32.92
C GLY C 195 -26.53 10.88 32.99
N ALA C 196 -26.04 11.98 32.40
CA ALA C 196 -24.61 12.26 32.38
C ALA C 196 -24.39 13.75 32.60
N ILE C 197 -23.22 14.07 33.16
CA ILE C 197 -22.82 15.46 33.40
C ILE C 197 -21.34 15.57 33.06
N SER C 198 -21.00 16.58 32.25
CA SER C 198 -19.62 16.81 31.83
C SER C 198 -19.27 18.28 31.95
N SER C 199 -17.98 18.54 32.13
CA SER C 199 -17.48 19.92 32.24
C SER C 199 -16.06 19.94 31.71
N SER C 200 -15.86 20.59 30.57
CA SER C 200 -14.56 20.66 29.91
C SER C 200 -14.07 22.10 29.89
N LYS C 201 -12.77 22.27 30.12
CA LYS C 201 -12.17 23.59 30.08
C LYS C 201 -12.13 24.13 28.66
N ARG C 202 -12.18 25.46 28.54
CA ARG C 202 -12.15 26.14 27.26
C ARG C 202 -10.79 26.80 27.06
N THR C 203 -10.21 26.61 25.88
CA THR C 203 -8.90 27.16 25.58
C THR C 203 -9.02 28.68 25.34
N ASP C 204 -7.87 29.35 25.38
CA ASP C 204 -7.84 30.79 25.18
C ASP C 204 -8.06 31.19 23.73
N ALA C 205 -7.90 30.25 22.79
CA ALA C 205 -8.11 30.55 21.38
C ALA C 205 -9.58 30.55 20.98
N GLN C 206 -10.46 30.00 21.81
CA GLN C 206 -11.89 29.98 21.53
C GLN C 206 -12.63 31.17 22.12
N ASN C 207 -11.93 32.07 22.81
CA ASN C 207 -12.54 33.23 23.44
C ASN C 207 -12.22 34.53 22.70
N THR C 208 -11.86 34.43 21.42
CA THR C 208 -11.53 35.61 20.64
C THR C 208 -12.80 36.31 20.16
N ALA C 209 -12.62 37.40 19.42
CA ALA C 209 -13.74 38.18 18.91
C ALA C 209 -14.28 37.66 17.58
N ALA C 210 -13.62 36.67 16.98
CA ALA C 210 -14.06 36.09 15.72
C ALA C 210 -15.05 34.96 15.89
N TYR C 211 -15.29 34.50 17.12
CA TYR C 211 -16.23 33.42 17.39
C TYR C 211 -17.17 33.84 18.52
N ILE C 212 -18.44 33.49 18.37
CA ILE C 212 -19.44 33.82 19.37
C ILE C 212 -19.35 32.83 20.53
N GLY C 213 -19.62 33.33 21.73
CA GLY C 213 -19.58 32.49 22.92
C GLY C 213 -18.30 32.63 23.70
N ASN C 214 -18.37 33.28 24.86
CA ASN C 214 -17.23 33.48 25.72
C ASN C 214 -17.55 32.99 27.13
N GLY C 215 -16.60 32.30 27.74
CA GLY C 215 -16.80 31.78 29.08
C GLY C 215 -15.57 31.04 29.55
N ASP C 216 -15.58 30.68 30.82
CA ASP C 216 -14.47 29.96 31.45
C ASP C 216 -14.71 28.46 31.52
N ARG C 217 -15.91 28.03 31.88
CA ARG C 217 -16.25 26.62 31.98
C ARG C 217 -17.34 26.27 30.99
N ALA C 218 -17.49 24.97 30.73
CA ALA C 218 -18.47 24.44 29.80
C ALA C 218 -19.22 23.27 30.41
N GLU C 219 -19.68 23.45 31.66
CA GLU C 219 -20.41 22.39 32.35
C GLU C 219 -21.76 22.17 31.69
N THR C 220 -22.09 20.91 31.41
CA THR C 220 -23.33 20.54 30.77
C THR C 220 -24.04 19.47 31.58
N TYR C 221 -25.38 19.50 31.52
CA TYR C 221 -26.22 18.50 32.17
C TYR C 221 -27.04 17.79 31.11
N THR C 222 -26.96 16.45 31.11
CA THR C 222 -27.63 15.64 30.10
C THR C 222 -28.46 14.57 30.78
N GLY C 223 -29.74 14.49 30.41
CA GLY C 223 -30.63 13.45 30.88
C GLY C 223 -30.99 12.47 29.77
N GLY C 224 -31.95 11.59 30.08
CA GLY C 224 -32.41 10.64 29.11
C GLY C 224 -33.22 9.49 29.67
N LEU C 225 -34.12 8.95 28.86
CA LEU C 225 -34.93 7.79 29.23
C LEU C 225 -34.95 6.82 28.07
N LYS C 226 -35.20 5.55 28.38
CA LYS C 226 -35.23 4.51 27.35
C LYS C 226 -36.27 3.46 27.72
N TYR C 227 -36.75 2.76 26.70
CA TYR C 227 -37.73 1.69 26.90
C TYR C 227 -37.63 0.76 25.70
N ASP C 228 -37.17 -0.47 25.96
CA ASP C 228 -36.99 -1.48 24.91
C ASP C 228 -37.60 -2.79 25.40
N ALA C 229 -38.85 -3.04 25.01
CA ALA C 229 -39.54 -4.26 25.39
C ALA C 229 -40.57 -4.61 24.33
N ASN C 230 -40.86 -5.91 24.20
CA ASN C 230 -41.81 -6.46 23.23
C ASN C 230 -41.71 -5.78 21.87
N ASN C 231 -40.47 -5.68 21.37
CA ASN C 231 -40.18 -5.11 20.05
C ASN C 231 -40.69 -3.68 19.92
N ILE C 232 -40.66 -2.92 21.02
CA ILE C 232 -41.05 -1.51 21.03
C ILE C 232 -39.89 -0.71 21.59
N TYR C 233 -39.42 0.27 20.82
CA TYR C 233 -38.28 1.11 21.21
C TYR C 233 -38.78 2.54 21.38
N LEU C 234 -38.83 3.01 22.63
CA LEU C 234 -39.21 4.37 22.95
C LEU C 234 -38.14 4.98 23.84
N ALA C 235 -37.63 6.15 23.44
CA ALA C 235 -36.58 6.82 24.20
C ALA C 235 -36.76 8.33 24.08
N ALA C 236 -36.49 9.03 25.17
CA ALA C 236 -36.54 10.49 25.20
C ALA C 236 -35.37 11.02 26.01
N GLN C 237 -34.87 12.19 25.61
CA GLN C 237 -33.73 12.79 26.30
C GLN C 237 -33.81 14.30 26.13
N TYR C 238 -33.12 15.00 27.04
CA TYR C 238 -33.09 16.46 27.02
C TYR C 238 -31.82 16.92 27.73
N THR C 239 -30.96 17.64 27.02
CA THR C 239 -29.70 18.13 27.56
C THR C 239 -29.77 19.63 27.80
N GLN C 240 -28.79 20.13 28.56
CA GLN C 240 -28.66 21.56 28.86
C GLN C 240 -27.16 21.89 28.84
N THR C 241 -26.69 22.35 27.68
CA THR C 241 -25.28 22.65 27.49
C THR C 241 -25.07 24.16 27.48
N TYR C 242 -24.10 24.62 28.25
CA TYR C 242 -23.74 26.04 28.33
C TYR C 242 -22.39 26.23 27.65
N ASN C 243 -22.38 27.04 26.60
CA ASN C 243 -21.16 27.32 25.83
C ASN C 243 -20.52 26.04 25.32
N ALA C 244 -21.36 25.09 24.89
CA ALA C 244 -20.88 23.81 24.40
C ALA C 244 -21.53 23.35 23.10
N THR C 245 -22.62 23.99 22.67
CA THR C 245 -23.31 23.60 21.45
C THR C 245 -22.71 24.38 20.27
N ARG C 246 -22.24 23.64 19.27
CA ARG C 246 -21.63 24.26 18.09
C ARG C 246 -22.72 24.68 17.11
N VAL C 247 -22.90 25.98 16.95
CA VAL C 247 -23.88 26.48 15.98
C VAL C 247 -23.39 26.22 14.57
N GLY C 248 -22.11 26.44 14.30
CA GLY C 248 -21.55 26.25 12.99
C GLY C 248 -20.28 27.04 12.78
N SER C 249 -20.20 27.80 11.69
CA SER C 249 -19.03 28.64 11.42
C SER C 249 -19.00 29.90 12.28
N LEU C 250 -20.12 30.26 12.91
CA LEU C 250 -20.15 31.46 13.74
C LEU C 250 -19.45 31.23 15.08
N GLY C 251 -19.57 30.03 15.64
CA GLY C 251 -18.95 29.73 16.91
C GLY C 251 -19.79 28.82 17.79
N TRP C 252 -19.97 29.20 19.06
CA TRP C 252 -20.72 28.41 20.02
C TRP C 252 -21.81 29.27 20.65
N ALA C 253 -22.99 28.67 20.84
CA ALA C 253 -24.09 29.36 21.49
C ALA C 253 -23.84 29.48 22.99
N ASN C 254 -24.25 30.62 23.56
CA ASN C 254 -24.08 30.83 24.99
C ASN C 254 -24.90 29.84 25.80
N LYS C 255 -26.14 29.57 25.37
CA LYS C 255 -27.01 28.63 26.06
C LYS C 255 -28.00 28.07 25.06
N ALA C 256 -27.95 26.75 24.85
CA ALA C 256 -28.84 26.08 23.91
C ALA C 256 -29.46 24.86 24.59
N GLN C 257 -30.78 24.74 24.49
CA GLN C 257 -31.51 23.61 25.05
C GLN C 257 -32.07 22.77 23.90
N ASN C 258 -31.74 21.48 23.89
CA ASN C 258 -32.17 20.56 22.85
C ASN C 258 -32.92 19.40 23.47
N PHE C 259 -34.07 19.06 22.88
CA PHE C 259 -34.89 17.95 23.33
C PHE C 259 -35.13 17.01 22.15
N GLU C 260 -34.90 15.72 22.38
CA GLU C 260 -35.06 14.71 21.34
C GLU C 260 -35.93 13.57 21.85
N ALA C 261 -36.69 12.98 20.92
CA ALA C 261 -37.55 11.86 21.24
C ALA C 261 -37.69 10.98 20.00
N VAL C 262 -37.74 9.66 20.22
CA VAL C 262 -37.84 8.69 19.14
C VAL C 262 -38.95 7.71 19.45
N ALA C 263 -39.45 7.06 18.39
CA ALA C 263 -40.50 6.05 18.53
C ALA C 263 -40.36 5.09 17.36
N GLN C 264 -39.87 3.88 17.65
CA GLN C 264 -39.64 2.88 16.62
C GLN C 264 -40.31 1.57 17.01
N TYR C 265 -40.72 0.80 16.00
CA TYR C 265 -41.36 -0.49 16.19
C TYR C 265 -40.70 -1.51 15.28
N GLN C 266 -40.64 -2.76 15.76
CA GLN C 266 -40.03 -3.86 15.04
C GLN C 266 -41.11 -4.84 14.61
N PHE C 267 -41.18 -5.14 13.33
CA PHE C 267 -42.16 -6.07 12.78
C PHE C 267 -41.51 -7.44 12.55
N ASP C 268 -42.37 -8.43 12.29
CA ASP C 268 -41.87 -9.80 12.09
C ASP C 268 -41.22 -9.97 10.72
N PHE C 269 -41.77 -9.33 9.68
CA PHE C 269 -41.21 -9.49 8.34
C PHE C 269 -39.91 -8.73 8.15
N GLY C 270 -39.63 -7.71 8.96
CA GLY C 270 -38.38 -7.00 8.86
C GLY C 270 -38.50 -5.49 8.83
N LEU C 271 -39.71 -4.99 8.59
CA LEU C 271 -39.91 -3.54 8.52
C LEU C 271 -39.78 -2.91 9.90
N ARG C 272 -39.01 -1.84 9.99
CA ARG C 272 -38.75 -1.12 11.24
C ARG C 272 -39.02 0.36 11.02
N PRO C 273 -40.28 0.78 11.09
CA PRO C 273 -40.59 2.21 10.94
C PRO C 273 -39.99 3.02 12.08
N SER C 274 -39.58 4.25 11.76
CA SER C 274 -38.96 5.14 12.70
C SER C 274 -39.57 6.53 12.61
N LEU C 275 -39.61 7.22 13.75
CA LEU C 275 -40.13 8.58 13.81
C LEU C 275 -39.37 9.33 14.90
N ALA C 276 -38.79 10.47 14.55
CA ALA C 276 -38.00 11.25 15.48
C ALA C 276 -38.27 12.73 15.29
N TYR C 277 -38.06 13.50 16.35
CA TYR C 277 -38.20 14.94 16.33
C TYR C 277 -37.03 15.57 17.09
N LEU C 278 -36.39 16.57 16.49
CA LEU C 278 -35.24 17.22 17.08
C LEU C 278 -35.40 18.73 17.00
N GLN C 279 -35.07 19.41 18.09
CA GLN C 279 -35.10 20.87 18.14
C GLN C 279 -33.83 21.37 18.82
N SER C 280 -33.28 22.46 18.29
CA SER C 280 -32.06 23.06 18.82
C SER C 280 -32.21 24.57 18.93
N LYS C 281 -33.34 25.00 19.48
CA LYS C 281 -33.59 26.44 19.62
C LYS C 281 -32.69 27.03 20.69
N GLY C 282 -32.01 28.13 20.34
CA GLY C 282 -31.13 28.79 21.27
C GLY C 282 -31.87 29.66 22.27
N LYS C 283 -31.14 30.10 23.29
CA LYS C 283 -31.70 30.93 24.36
C LYS C 283 -31.05 32.30 24.44
N ASN C 284 -29.72 32.36 24.50
CA ASN C 284 -28.99 33.61 24.72
C ASN C 284 -27.95 33.83 23.63
N LEU C 285 -28.35 33.67 22.38
CA LEU C 285 -27.44 33.90 21.26
C LEU C 285 -27.02 35.36 21.20
N GLY C 286 -25.78 35.59 20.79
CA GLY C 286 -25.22 36.92 20.71
C GLY C 286 -25.30 37.51 19.31
N ARG C 287 -24.62 38.65 19.14
CA ARG C 287 -24.56 39.36 17.87
C ARG C 287 -25.95 39.74 17.36
N GLY C 288 -26.83 40.11 18.29
CA GLY C 288 -28.16 40.57 17.95
C GLY C 288 -29.20 39.48 17.80
N TYR C 289 -28.81 38.21 17.82
CA TYR C 289 -29.76 37.13 17.69
C TYR C 289 -30.55 36.95 18.99
N ASP C 290 -31.78 36.46 18.84
CA ASP C 290 -32.65 36.26 19.99
C ASP C 290 -33.63 35.14 19.69
N ASP C 291 -33.57 34.08 20.50
CA ASP C 291 -34.48 32.93 20.37
C ASP C 291 -34.41 32.30 18.98
N GLU C 292 -33.20 32.26 18.42
CA GLU C 292 -33.01 31.65 17.11
C GLU C 292 -32.89 30.14 17.24
N ASP C 293 -33.36 29.44 16.22
CA ASP C 293 -33.33 27.97 16.19
C ASP C 293 -32.14 27.52 15.35
N ILE C 294 -31.20 26.82 15.99
CA ILE C 294 -30.04 26.32 15.27
C ILE C 294 -30.42 25.20 14.32
N LEU C 295 -31.25 24.26 14.79
CA LEU C 295 -31.65 23.13 13.96
C LEU C 295 -33.00 22.61 14.47
N LYS C 296 -33.89 22.29 13.53
CA LYS C 296 -35.21 21.76 13.88
C LYS C 296 -35.72 20.98 12.69
N TYR C 297 -35.85 19.66 12.85
CA TYR C 297 -36.31 18.81 11.75
C TYR C 297 -37.03 17.60 12.33
N VAL C 298 -37.86 16.98 11.49
CA VAL C 298 -38.59 15.76 11.84
C VAL C 298 -38.20 14.67 10.86
N ASP C 299 -37.75 13.54 11.39
CA ASP C 299 -37.31 12.41 10.57
C ASP C 299 -38.36 11.31 10.61
N VAL C 300 -38.80 10.86 9.43
CA VAL C 300 -39.77 9.80 9.29
C VAL C 300 -39.28 8.82 8.23
N GLY C 301 -39.37 7.54 8.52
CA GLY C 301 -38.91 6.54 7.58
C GLY C 301 -39.10 5.14 8.14
N ALA C 302 -38.58 4.16 7.39
CA ALA C 302 -38.67 2.77 7.78
C ALA C 302 -37.39 2.04 7.37
N THR C 303 -37.11 0.93 8.04
CA THR C 303 -35.94 0.12 7.76
C THR C 303 -36.35 -1.33 7.61
N TYR C 304 -35.94 -1.95 6.51
CA TYR C 304 -36.23 -3.35 6.23
C TYR C 304 -34.96 -4.17 6.40
N TYR C 305 -35.04 -5.22 7.22
CA TYR C 305 -33.91 -6.10 7.50
C TYR C 305 -34.10 -7.41 6.76
N PHE C 306 -33.38 -7.58 5.65
CA PHE C 306 -33.43 -8.84 4.92
C PHE C 306 -32.77 -9.96 5.71
N ASN C 307 -31.63 -9.69 6.33
CA ASN C 307 -30.91 -10.67 7.12
C ASN C 307 -30.06 -9.91 8.14
N LYS C 308 -29.12 -10.61 8.76
CA LYS C 308 -28.22 -10.02 9.74
C LYS C 308 -26.99 -9.39 9.12
N ASN C 309 -26.89 -9.37 7.80
CA ASN C 309 -25.75 -8.80 7.10
C ASN C 309 -26.11 -7.67 6.15
N MET C 310 -27.28 -7.74 5.51
CA MET C 310 -27.72 -6.71 4.58
C MET C 310 -29.02 -6.10 5.09
N SER C 311 -29.09 -4.77 5.11
CA SER C 311 -30.25 -4.04 5.57
C SER C 311 -30.53 -2.88 4.65
N THR C 312 -31.81 -2.63 4.39
CA THR C 312 -32.26 -1.52 3.55
C THR C 312 -33.11 -0.57 4.39
N TYR C 313 -32.99 0.72 4.11
CA TYR C 313 -33.72 1.73 4.86
C TYR C 313 -34.00 2.93 3.98
N VAL C 314 -35.04 3.67 4.35
CA VAL C 314 -35.41 4.92 3.68
C VAL C 314 -35.65 5.97 4.74
N ASP C 315 -35.06 7.15 4.56
CA ASP C 315 -35.15 8.24 5.52
C ASP C 315 -35.58 9.52 4.82
N TYR C 316 -36.53 10.23 5.44
CA TYR C 316 -37.04 11.50 4.93
C TYR C 316 -36.88 12.55 6.03
N LYS C 317 -36.01 13.52 5.80
CA LYS C 317 -35.75 14.59 6.76
C LYS C 317 -36.57 15.80 6.39
N ILE C 318 -37.59 16.12 7.20
CA ILE C 318 -38.46 17.25 6.98
C ILE C 318 -37.95 18.39 7.86
N ASN C 319 -37.25 19.33 7.27
CA ASN C 319 -36.71 20.46 8.02
C ASN C 319 -37.83 21.44 8.37
N LEU C 320 -37.87 21.85 9.64
CA LEU C 320 -38.90 22.76 10.15
C LEU C 320 -38.30 24.07 10.63
N LEU C 321 -37.22 24.52 10.01
CA LEU C 321 -36.56 25.77 10.37
C LEU C 321 -36.69 26.78 9.24
N ASP C 322 -36.59 28.05 9.59
CA ASP C 322 -36.74 29.14 8.63
C ASP C 322 -35.43 29.36 7.87
N ASP C 323 -35.43 30.36 7.00
CA ASP C 323 -34.28 30.71 6.17
C ASP C 323 -33.94 32.19 6.33
N ASN C 324 -33.87 32.63 7.58
CA ASN C 324 -33.58 34.03 7.88
C ASN C 324 -32.07 34.28 7.71
N GLN C 325 -31.62 35.48 8.11
CA GLN C 325 -30.22 35.83 7.97
C GLN C 325 -29.33 35.00 8.89
N PHE C 326 -29.85 34.60 10.06
CA PHE C 326 -29.07 33.78 10.98
C PHE C 326 -28.75 32.42 10.37
N THR C 327 -29.72 31.82 9.69
CA THR C 327 -29.49 30.52 9.06
C THR C 327 -28.44 30.61 7.96
N ARG C 328 -28.51 31.66 7.15
CA ARG C 328 -27.54 31.82 6.07
C ARG C 328 -26.15 32.14 6.61
N ASP C 329 -26.07 32.95 7.66
CA ASP C 329 -24.78 33.31 8.24
C ASP C 329 -24.09 32.10 8.85
N ALA C 330 -24.85 31.24 9.54
CA ALA C 330 -24.28 30.07 10.18
C ALA C 330 -24.12 28.88 9.22
N GLY C 331 -24.61 28.99 7.99
CA GLY C 331 -24.49 27.91 7.03
C GLY C 331 -25.26 26.66 7.38
N ILE C 332 -26.51 26.81 7.83
CA ILE C 332 -27.36 25.69 8.20
C ILE C 332 -28.30 25.38 7.04
N ASN C 333 -28.44 24.10 6.72
CA ASN C 333 -29.30 23.69 5.62
C ASN C 333 -30.77 23.91 5.97
N THR C 334 -31.58 24.16 4.92
CA THR C 334 -32.99 24.43 5.10
C THR C 334 -33.85 23.48 4.27
N ASP C 335 -33.35 23.08 3.11
CA ASP C 335 -34.11 22.21 2.23
C ASP C 335 -34.21 20.80 2.81
N ASN C 336 -35.31 20.13 2.50
CA ASN C 336 -35.53 18.78 2.99
C ASN C 336 -34.65 17.79 2.22
N ILE C 337 -34.17 16.76 2.93
CA ILE C 337 -33.30 15.75 2.37
C ILE C 337 -33.96 14.39 2.53
N VAL C 338 -34.05 13.63 1.45
CA VAL C 338 -34.55 12.26 1.46
C VAL C 338 -33.46 11.36 0.88
N ALA C 339 -33.12 10.30 1.61
CA ALA C 339 -32.07 9.38 1.20
C ALA C 339 -32.55 7.94 1.36
N LEU C 340 -32.26 7.12 0.34
CA LEU C 340 -32.59 5.70 0.35
C LEU C 340 -31.40 4.91 -0.15
N GLY C 341 -31.18 3.74 0.46
CA GLY C 341 -30.05 2.92 0.06
C GLY C 341 -29.98 1.67 0.92
N LEU C 342 -28.94 0.89 0.67
CA LEU C 342 -28.72 -0.37 1.38
C LEU C 342 -27.27 -0.42 1.87
N VAL C 343 -27.07 -1.06 3.02
CA VAL C 343 -25.76 -1.21 3.63
C VAL C 343 -25.52 -2.69 3.92
N TYR C 344 -24.36 -3.18 3.51
CA TYR C 344 -23.96 -4.56 3.74
C TYR C 344 -22.90 -4.61 4.83
N GLN C 345 -23.16 -5.40 5.87
CA GLN C 345 -22.26 -5.54 7.00
C GLN C 345 -21.72 -6.96 7.08
N PHE C 346 -20.43 -7.08 7.32
CA PHE C 346 -19.80 -8.39 7.44
C PHE C 346 -19.13 -8.56 8.81
N ARG D 11 32.58 -42.01 -41.64
CA ARG D 11 33.42 -42.87 -40.82
C ARG D 11 34.85 -42.35 -40.76
N SER D 12 35.60 -42.55 -41.84
CA SER D 12 36.98 -42.08 -41.90
C SER D 12 37.03 -40.56 -42.02
N ASP D 13 38.12 -39.98 -41.53
CA ASP D 13 38.32 -38.54 -41.56
C ASP D 13 39.70 -38.24 -42.11
N PRO D 14 39.86 -37.10 -42.79
CA PRO D 14 41.17 -36.72 -43.33
C PRO D 14 42.13 -36.32 -42.21
N LEU D 15 43.42 -36.32 -42.56
CA LEU D 15 44.50 -35.95 -41.64
C LEU D 15 44.49 -36.82 -40.39
N GLU D 16 44.68 -38.13 -40.61
CA GLU D 16 44.70 -39.09 -39.52
C GLU D 16 46.11 -39.27 -38.96
N GLY D 17 47.10 -39.46 -39.84
CA GLY D 17 48.47 -39.60 -39.38
C GLY D 17 49.01 -38.33 -38.75
N PHE D 18 48.71 -37.18 -39.34
CA PHE D 18 49.16 -35.91 -38.81
C PHE D 18 48.23 -35.41 -37.72
N ASN D 19 48.70 -34.42 -36.96
CA ASN D 19 47.95 -33.82 -35.86
C ASN D 19 47.54 -34.88 -34.83
N ARG D 20 48.45 -35.81 -34.56
CA ARG D 20 48.21 -36.89 -33.60
C ARG D 20 49.21 -36.88 -32.45
N THR D 21 50.48 -36.56 -32.72
CA THR D 21 51.47 -36.50 -31.65
C THR D 21 51.20 -35.37 -30.68
N MET D 22 50.69 -34.24 -31.17
CA MET D 22 50.40 -33.11 -30.29
C MET D 22 49.24 -33.41 -29.35
N TYR D 23 48.26 -34.20 -29.82
CA TYR D 23 47.14 -34.56 -28.95
C TYR D 23 47.61 -35.39 -27.75
N ASN D 24 48.54 -36.32 -27.98
CA ASN D 24 49.07 -37.11 -26.87
C ASN D 24 49.85 -36.24 -25.90
N PHE D 25 50.62 -35.28 -26.41
CA PHE D 25 51.37 -34.38 -25.54
C PHE D 25 50.44 -33.54 -24.68
N ASN D 26 49.34 -33.04 -25.26
CA ASN D 26 48.41 -32.23 -24.51
C ASN D 26 47.60 -33.04 -23.51
N PHE D 27 47.58 -34.36 -23.65
CA PHE D 27 46.82 -35.23 -22.75
C PHE D 27 47.68 -36.05 -21.82
N ASN D 28 49.00 -36.08 -22.02
CA ASN D 28 49.89 -36.86 -21.17
C ASN D 28 51.04 -36.05 -20.59
N VAL D 29 51.23 -34.79 -20.99
CA VAL D 29 52.30 -33.97 -20.45
C VAL D 29 51.72 -32.69 -19.87
N LEU D 30 50.97 -31.94 -20.69
CA LEU D 30 50.38 -30.69 -20.22
C LEU D 30 49.20 -30.94 -19.29
N ASP D 31 48.40 -31.98 -19.56
CA ASP D 31 47.24 -32.26 -18.71
C ASP D 31 47.63 -32.68 -17.30
N PRO D 32 48.52 -33.65 -17.08
CA PRO D 32 48.80 -34.07 -15.70
C PRO D 32 49.71 -33.12 -14.94
N TYR D 33 50.24 -32.07 -15.58
CA TYR D 33 51.17 -31.16 -14.93
C TYR D 33 50.59 -29.77 -14.69
N ILE D 34 49.63 -29.33 -15.51
CA ILE D 34 49.05 -27.99 -15.39
C ILE D 34 47.56 -28.06 -15.08
N VAL D 35 46.82 -28.90 -15.80
CA VAL D 35 45.37 -28.97 -15.63
C VAL D 35 44.99 -29.88 -14.46
N ARG D 36 45.56 -31.08 -14.41
CA ARG D 36 45.23 -32.01 -13.32
C ARG D 36 45.61 -31.49 -11.94
N PRO D 37 46.83 -30.97 -11.71
CA PRO D 37 47.13 -30.46 -10.36
C PRO D 37 46.22 -29.34 -9.91
N VAL D 38 45.81 -28.46 -10.81
CA VAL D 38 44.92 -27.36 -10.43
C VAL D 38 43.47 -27.82 -10.30
N ALA D 39 43.11 -28.96 -10.91
CA ALA D 39 41.74 -29.45 -10.78
C ALA D 39 41.48 -30.02 -9.40
N VAL D 40 42.47 -30.67 -8.79
CA VAL D 40 42.30 -31.23 -7.46
C VAL D 40 42.09 -30.12 -6.44
N ALA D 41 42.89 -29.05 -6.52
CA ALA D 41 42.75 -27.94 -5.58
C ALA D 41 41.42 -27.22 -5.77
N TRP D 42 40.98 -27.08 -7.03
CA TRP D 42 39.71 -26.40 -7.28
C TRP D 42 38.53 -27.19 -6.75
N ARG D 43 38.61 -28.53 -6.77
CA ARG D 43 37.50 -29.34 -6.28
C ARG D 43 37.41 -29.32 -4.76
N ASP D 44 38.54 -29.20 -4.07
CA ASP D 44 38.57 -29.27 -2.60
C ASP D 44 38.53 -27.89 -1.95
N TYR D 45 39.46 -27.01 -2.32
CA TYR D 45 39.56 -25.72 -1.66
C TYR D 45 38.33 -24.85 -1.92
N VAL D 46 37.82 -24.86 -3.15
CA VAL D 46 36.65 -24.04 -3.49
C VAL D 46 35.40 -24.72 -2.92
N PRO D 47 34.59 -24.03 -2.14
CA PRO D 47 33.38 -24.64 -1.58
C PRO D 47 32.36 -24.98 -2.68
N GLN D 48 31.53 -25.98 -2.39
CA GLN D 48 30.52 -26.42 -3.34
C GLN D 48 29.55 -25.31 -3.74
N PRO D 49 29.00 -24.50 -2.82
CA PRO D 49 28.12 -23.40 -3.26
C PRO D 49 28.81 -22.41 -4.19
N ALA D 50 30.10 -22.16 -4.01
CA ALA D 50 30.81 -21.25 -4.91
C ALA D 50 30.88 -21.83 -6.32
N ARG D 51 31.13 -23.13 -6.45
CA ARG D 51 31.19 -23.76 -7.76
C ARG D 51 29.83 -23.71 -8.46
N ASN D 52 28.75 -23.95 -7.71
CA ASN D 52 27.42 -23.92 -8.30
C ASN D 52 27.06 -22.52 -8.81
N GLY D 53 27.41 -21.48 -8.04
CA GLY D 53 27.12 -20.13 -8.47
C GLY D 53 27.87 -19.73 -9.73
N LEU D 54 29.14 -20.11 -9.82
CA LEU D 54 29.93 -19.79 -11.00
C LEU D 54 29.40 -20.52 -12.24
N SER D 55 29.00 -21.78 -12.08
CA SER D 55 28.47 -22.53 -13.22
C SER D 55 27.17 -21.94 -13.73
N ASN D 56 26.29 -21.53 -12.82
CA ASN D 56 25.02 -20.93 -13.24
C ASN D 56 25.25 -19.57 -13.91
N PHE D 57 26.18 -18.78 -13.38
CA PHE D 57 26.47 -17.48 -13.98
C PHE D 57 27.04 -17.62 -15.38
N THR D 58 27.93 -18.59 -15.58
CA THR D 58 28.51 -18.80 -16.91
C THR D 58 27.45 -19.27 -17.90
N GLY D 59 26.56 -20.17 -17.47
CA GLY D 59 25.53 -20.66 -18.37
C GLY D 59 24.47 -19.62 -18.68
N ASN D 60 24.26 -18.66 -17.78
CA ASN D 60 23.27 -17.61 -18.03
C ASN D 60 23.74 -16.59 -19.05
N LEU D 61 25.05 -16.47 -19.25
CA LEU D 61 25.56 -15.52 -20.23
C LEU D 61 25.21 -15.92 -21.66
N GLU D 62 25.21 -17.23 -21.94
CA GLU D 62 24.85 -17.74 -23.25
C GLU D 62 23.37 -18.08 -23.38
N GLU D 63 22.58 -17.82 -22.33
CA GLU D 63 21.15 -18.10 -22.40
C GLU D 63 20.42 -17.36 -23.50
N PRO D 64 20.63 -16.05 -23.71
CA PRO D 64 19.91 -15.37 -24.80
C PRO D 64 20.37 -15.77 -26.20
N ALA D 65 21.34 -16.67 -26.32
CA ALA D 65 21.81 -17.13 -27.62
C ALA D 65 21.15 -18.43 -28.07
N VAL D 66 20.71 -19.26 -27.13
CA VAL D 66 20.04 -20.51 -27.49
C VAL D 66 18.69 -20.22 -28.15
N MET D 67 18.00 -19.18 -27.69
CA MET D 67 16.70 -18.84 -28.27
C MET D 67 16.81 -18.47 -29.75
N VAL D 68 17.86 -17.71 -30.10
CA VAL D 68 18.06 -17.34 -31.50
C VAL D 68 18.35 -18.58 -32.35
N ASN D 69 19.15 -19.51 -31.82
CA ASN D 69 19.44 -20.74 -32.54
C ASN D 69 18.20 -21.59 -32.73
N TYR D 70 17.35 -21.66 -31.70
CA TYR D 70 16.11 -22.43 -31.81
C TYR D 70 15.12 -21.78 -32.76
N PHE D 71 15.10 -20.45 -32.83
CA PHE D 71 14.16 -19.77 -33.71
C PHE D 71 14.49 -20.00 -35.18
N LEU D 72 15.78 -20.09 -35.53
CA LEU D 72 16.15 -20.30 -36.92
C LEU D 72 15.68 -21.66 -37.41
N GLN D 73 15.88 -22.72 -36.63
CA GLN D 73 15.42 -24.04 -37.02
C GLN D 73 13.92 -24.20 -36.82
N GLY D 74 13.35 -23.49 -35.85
CA GLY D 74 11.92 -23.57 -35.59
C GLY D 74 11.58 -24.43 -34.39
N ASP D 75 11.33 -23.79 -33.25
CA ASP D 75 10.98 -24.51 -32.03
C ASP D 75 10.31 -23.55 -31.04
N PRO D 76 9.04 -23.22 -31.24
CA PRO D 76 8.37 -22.28 -30.31
C PRO D 76 8.33 -22.78 -28.87
N TYR D 77 8.19 -24.09 -28.66
CA TYR D 77 8.15 -24.61 -27.30
C TYR D 77 9.51 -24.51 -26.62
N GLN D 78 10.57 -24.93 -27.33
CA GLN D 78 11.90 -24.88 -26.74
C GLN D 78 12.47 -23.47 -26.72
N GLY D 79 12.09 -22.62 -27.68
CA GLY D 79 12.61 -21.26 -27.70
C GLY D 79 12.15 -20.44 -26.51
N MET D 80 10.88 -20.58 -26.13
CA MET D 80 10.35 -19.84 -24.99
C MET D 80 10.82 -20.40 -23.65
N VAL D 81 11.29 -21.65 -23.62
CA VAL D 81 11.79 -22.23 -22.38
C VAL D 81 13.02 -21.47 -21.90
N HIS D 82 13.95 -21.18 -22.81
CA HIS D 82 15.17 -20.46 -22.46
C HIS D 82 14.96 -18.96 -22.34
N PHE D 83 13.83 -18.44 -22.84
CA PHE D 83 13.57 -17.01 -22.74
C PHE D 83 13.38 -16.58 -21.28
N THR D 84 12.58 -17.34 -20.53
CA THR D 84 12.33 -17.02 -19.13
C THR D 84 13.50 -17.39 -18.23
N ARG D 85 14.38 -18.30 -18.68
CA ARG D 85 15.53 -18.67 -17.87
C ARG D 85 16.48 -17.50 -17.67
N PHE D 86 16.75 -16.73 -18.72
CA PHE D 86 17.66 -15.60 -18.61
C PHE D 86 17.02 -14.44 -17.85
N PHE D 87 15.72 -14.19 -18.10
CA PHE D 87 15.05 -13.08 -17.45
C PHE D 87 14.98 -13.27 -15.94
N LEU D 88 14.67 -14.49 -15.49
CA LEU D 88 14.57 -14.73 -14.05
C LEU D 88 15.94 -14.68 -13.39
N ASN D 89 16.97 -15.19 -14.06
CA ASN D 89 18.31 -15.21 -13.49
C ASN D 89 18.96 -13.82 -13.48
N THR D 90 18.61 -12.97 -14.44
CA THR D 90 19.20 -11.64 -14.49
C THR D 90 18.63 -10.72 -13.42
N ILE D 91 17.31 -10.81 -13.16
CA ILE D 91 16.67 -9.91 -12.20
C ILE D 91 16.61 -10.53 -10.81
N LEU D 92 16.08 -11.74 -10.70
CA LEU D 92 15.90 -12.39 -9.40
C LEU D 92 17.03 -13.35 -9.04
N GLY D 93 18.07 -13.43 -9.86
CA GLY D 93 19.16 -14.35 -9.59
C GLY D 93 20.52 -13.66 -9.55
N MET D 94 20.53 -12.36 -9.27
CA MET D 94 21.75 -11.57 -9.20
C MET D 94 22.58 -11.69 -10.48
N GLY D 95 21.90 -11.59 -11.61
CA GLY D 95 22.57 -11.69 -12.90
C GLY D 95 22.96 -13.08 -13.32
N GLY D 96 22.34 -14.11 -12.75
CA GLY D 96 22.63 -15.48 -13.09
C GLY D 96 23.29 -16.30 -12.00
N PHE D 97 23.55 -15.71 -10.83
CA PHE D 97 24.18 -16.47 -9.75
C PHE D 97 23.23 -17.49 -9.15
N ILE D 98 21.92 -17.24 -9.22
CA ILE D 98 20.91 -18.14 -8.68
C ILE D 98 20.04 -18.64 -9.82
N ASP D 99 19.87 -19.96 -9.90
CA ASP D 99 19.05 -20.58 -10.94
C ASP D 99 17.59 -20.53 -10.50
N VAL D 100 16.99 -19.35 -10.67
CA VAL D 100 15.59 -19.16 -10.26
C VAL D 100 14.66 -20.00 -11.12
N ALA D 101 14.88 -20.03 -12.43
CA ALA D 101 13.98 -20.76 -13.31
C ALA D 101 14.12 -22.26 -13.17
N GLY D 102 15.33 -22.75 -12.90
CA GLY D 102 15.54 -24.19 -12.80
C GLY D 102 14.82 -24.81 -11.62
N MET D 103 14.90 -24.17 -10.45
CA MET D 103 14.24 -24.70 -9.26
C MET D 103 12.74 -24.44 -9.26
N ALA D 104 12.29 -23.42 -10.00
CA ALA D 104 10.87 -23.08 -10.01
C ALA D 104 10.02 -24.13 -10.73
N ASN D 105 10.62 -24.92 -11.63
CA ASN D 105 9.88 -25.93 -12.38
C ASN D 105 10.78 -27.12 -12.63
N PRO D 106 10.33 -28.33 -12.31
CA PRO D 106 11.16 -29.52 -12.57
C PRO D 106 11.45 -29.74 -14.04
N LYS D 107 10.63 -29.22 -14.95
CA LYS D 107 10.83 -29.37 -16.38
C LYS D 107 11.56 -28.19 -17.00
N LEU D 108 12.02 -27.24 -16.20
CA LEU D 108 12.71 -26.05 -16.68
C LEU D 108 14.18 -26.05 -16.29
N GLN D 109 14.78 -27.23 -16.17
CA GLN D 109 16.19 -27.32 -15.80
C GLN D 109 17.08 -26.93 -16.97
N ARG D 110 18.34 -26.63 -16.67
CA ARG D 110 19.30 -26.24 -17.69
C ARG D 110 19.68 -27.45 -18.54
N THR D 111 19.68 -27.28 -19.85
CA THR D 111 20.03 -28.32 -20.79
C THR D 111 21.37 -28.01 -21.44
N GLU D 112 21.76 -28.86 -22.39
CA GLU D 112 23.02 -28.66 -23.09
C GLU D 112 22.95 -27.39 -23.94
N PRO D 113 24.06 -26.65 -24.05
CA PRO D 113 24.04 -25.43 -24.86
C PRO D 113 23.94 -25.73 -26.34
N HIS D 114 22.94 -25.14 -26.99
CA HIS D 114 22.71 -25.32 -28.42
C HIS D 114 23.20 -24.07 -29.13
N ARG D 115 24.44 -24.13 -29.63
CA ARG D 115 25.06 -23.01 -30.30
C ARG D 115 24.66 -23.01 -31.79
N PHE D 116 25.33 -22.18 -32.59
CA PHE D 116 25.02 -22.11 -34.02
C PHE D 116 25.38 -23.38 -34.76
N GLY D 117 26.26 -24.21 -34.19
CA GLY D 117 26.61 -25.46 -34.85
C GLY D 117 25.45 -26.43 -34.95
N SER D 118 24.62 -26.49 -33.91
CA SER D 118 23.47 -27.38 -33.92
C SER D 118 22.44 -26.94 -34.95
N THR D 119 22.25 -25.63 -35.11
CA THR D 119 21.30 -25.12 -36.10
C THR D 119 21.74 -25.48 -37.51
N LEU D 120 23.04 -25.36 -37.80
CA LEU D 120 23.54 -25.70 -39.12
C LEU D 120 23.39 -27.19 -39.42
N GLY D 121 23.57 -28.03 -38.40
CA GLY D 121 23.45 -29.46 -38.58
C GLY D 121 22.04 -29.99 -38.69
N HIS D 122 21.04 -29.16 -38.40
CA HIS D 122 19.65 -29.60 -38.50
C HIS D 122 19.30 -29.94 -39.95
N TYR D 123 19.72 -29.10 -40.89
CA TYR D 123 19.47 -29.37 -42.31
C TYR D 123 20.42 -30.40 -42.88
N GLY D 124 21.54 -30.67 -42.20
CA GLY D 124 22.51 -31.64 -42.66
C GLY D 124 23.73 -31.00 -43.28
N VAL D 125 24.81 -30.92 -42.50
CA VAL D 125 26.07 -30.35 -42.96
C VAL D 125 27.20 -31.28 -42.51
N GLY D 126 28.09 -31.63 -43.44
CA GLY D 126 29.20 -32.48 -43.10
C GLY D 126 30.17 -31.82 -42.15
N TYR D 127 30.82 -32.65 -41.33
CA TYR D 127 31.77 -32.13 -40.35
C TYR D 127 33.09 -31.70 -40.97
N GLY D 128 33.42 -32.20 -42.16
CA GLY D 128 34.64 -31.84 -42.83
C GLY D 128 35.85 -32.50 -42.20
N PRO D 129 37.04 -31.98 -42.50
CA PRO D 129 38.26 -32.55 -41.93
C PRO D 129 38.34 -32.31 -40.43
N TYR D 130 39.04 -33.22 -39.75
CA TYR D 130 39.22 -33.15 -38.31
C TYR D 130 40.60 -32.56 -38.02
N VAL D 131 40.62 -31.42 -37.32
CA VAL D 131 41.85 -30.73 -36.98
C VAL D 131 41.87 -30.49 -35.48
N GLN D 132 42.96 -30.88 -34.82
CA GLN D 132 43.13 -30.70 -33.39
C GLN D 132 43.90 -29.41 -33.12
N LEU D 133 43.33 -28.55 -32.28
CA LEU D 133 44.00 -27.30 -31.98
C LEU D 133 44.80 -27.41 -30.69
N PRO D 134 45.96 -26.77 -30.62
CA PRO D 134 46.76 -26.82 -29.38
C PRO D 134 46.06 -26.08 -28.25
N PHE D 135 46.23 -26.60 -27.04
CA PHE D 135 45.70 -26.03 -25.80
C PHE D 135 44.18 -25.91 -25.80
N TYR D 136 43.50 -26.53 -26.75
CA TYR D 136 42.04 -26.47 -26.84
C TYR D 136 41.37 -27.83 -26.88
N GLY D 137 42.00 -28.83 -27.50
CA GLY D 137 41.41 -30.14 -27.59
C GLY D 137 40.80 -30.41 -28.96
N SER D 138 39.64 -31.07 -28.98
CA SER D 138 38.97 -31.37 -30.23
C SER D 138 38.42 -30.10 -30.86
N PHE D 139 38.46 -30.03 -32.19
CA PHE D 139 37.97 -28.89 -32.92
C PHE D 139 37.37 -29.36 -34.24
N THR D 140 36.22 -28.80 -34.60
CA THR D 140 35.53 -29.14 -35.83
C THR D 140 35.15 -27.87 -36.57
N LEU D 141 35.12 -27.96 -37.90
CA LEU D 141 34.76 -26.80 -38.72
C LEU D 141 33.26 -26.52 -38.67
N ARG D 142 32.45 -27.55 -38.42
CA ARG D 142 31.01 -27.39 -38.39
C ARG D 142 30.51 -26.93 -37.02
N ASP D 143 30.82 -27.70 -35.98
CA ASP D 143 30.35 -27.37 -34.63
C ASP D 143 31.23 -26.31 -33.98
N ASP D 144 32.52 -26.62 -33.80
CA ASP D 144 33.40 -25.66 -33.16
C ASP D 144 33.72 -24.49 -34.08
N GLY D 145 33.79 -24.73 -35.39
CA GLY D 145 34.06 -23.64 -36.32
C GLY D 145 32.93 -22.63 -36.36
N GLY D 146 31.69 -23.10 -36.31
CA GLY D 146 30.53 -22.24 -36.32
C GLY D 146 30.15 -21.64 -34.98
N ASP D 147 30.89 -21.97 -33.92
CA ASP D 147 30.58 -21.44 -32.60
C ASP D 147 30.84 -19.94 -32.50
N MET D 148 31.68 -19.39 -33.36
CA MET D 148 32.00 -17.96 -33.35
C MET D 148 31.01 -17.16 -34.19
N ALA D 149 29.72 -17.33 -33.90
CA ALA D 149 28.66 -16.62 -34.61
C ALA D 149 27.75 -15.82 -33.69
N ASP D 150 27.82 -16.03 -32.38
CA ASP D 150 26.98 -15.33 -31.41
C ASP D 150 27.63 -14.06 -30.88
N GLY D 151 28.79 -13.68 -31.40
CA GLY D 151 29.48 -12.50 -30.93
C GLY D 151 28.86 -11.19 -31.36
N PHE D 152 27.92 -11.22 -32.31
CA PHE D 152 27.22 -10.03 -32.75
C PHE D 152 25.87 -9.84 -32.08
N TYR D 153 25.33 -10.88 -31.46
CA TYR D 153 24.04 -10.79 -30.79
C TYR D 153 24.17 -9.95 -29.52
N PRO D 154 23.07 -9.35 -29.06
CA PRO D 154 23.12 -8.58 -27.82
C PRO D 154 23.40 -9.48 -26.62
N VAL D 155 23.84 -8.83 -25.53
CA VAL D 155 24.17 -9.47 -24.25
C VAL D 155 25.48 -10.24 -24.37
N LEU D 156 25.92 -10.49 -25.61
CA LEU D 156 27.17 -11.17 -25.88
C LEU D 156 28.20 -10.32 -26.62
N SER D 157 27.76 -9.31 -27.36
CA SER D 157 28.72 -8.44 -28.05
C SER D 157 29.48 -7.55 -27.09
N TRP D 158 28.91 -7.27 -25.92
CA TRP D 158 29.56 -6.43 -24.92
C TRP D 158 30.79 -7.09 -24.30
N LEU D 159 30.96 -8.40 -24.48
CA LEU D 159 32.10 -9.09 -23.89
C LEU D 159 33.40 -8.63 -24.53
N THR D 160 34.38 -8.30 -23.70
CA THR D 160 35.68 -7.88 -24.20
C THR D 160 36.57 -9.09 -24.47
N TRP D 161 37.54 -8.89 -25.36
CA TRP D 161 38.43 -9.98 -25.74
C TRP D 161 39.26 -10.55 -24.58
N PRO D 162 39.85 -9.75 -23.66
CA PRO D 162 40.71 -10.35 -22.63
C PRO D 162 39.95 -11.28 -21.69
N MET D 163 38.82 -10.82 -21.16
CA MET D 163 38.05 -11.63 -20.22
C MET D 163 37.30 -12.77 -20.90
N SER D 164 37.14 -12.71 -22.23
CA SER D 164 36.48 -13.80 -22.93
C SER D 164 37.31 -15.08 -22.89
N VAL D 165 38.64 -14.94 -22.94
CA VAL D 165 39.51 -16.11 -22.90
C VAL D 165 39.36 -16.83 -21.55
N GLY D 166 39.33 -16.06 -20.46
CA GLY D 166 39.21 -16.65 -19.13
C GLY D 166 37.87 -17.31 -18.88
N LYS D 167 36.82 -16.86 -19.57
CA LYS D 167 35.50 -17.50 -19.40
C LYS D 167 35.53 -18.95 -19.88
N TRP D 168 36.20 -19.21 -21.01
CA TRP D 168 36.30 -20.56 -21.52
C TRP D 168 37.11 -21.45 -20.56
N THR D 169 38.15 -20.90 -19.95
CA THR D 169 38.97 -21.68 -19.03
C THR D 169 38.17 -22.09 -17.79
N LEU D 170 37.18 -21.28 -17.40
CA LEU D 170 36.36 -21.63 -16.23
C LEU D 170 35.56 -22.89 -16.49
N GLU D 171 35.02 -23.04 -17.70
CA GLU D 171 34.26 -24.25 -18.04
C GLU D 171 35.15 -25.48 -18.05
N GLY D 172 36.39 -25.33 -18.54
CA GLY D 172 37.29 -26.47 -18.59
C GLY D 172 37.63 -27.03 -17.22
N ILE D 173 37.86 -26.14 -16.26
CA ILE D 173 38.18 -26.59 -14.90
C ILE D 173 36.98 -27.31 -14.27
N GLU D 174 35.78 -26.76 -14.46
CA GLU D 174 34.59 -27.39 -13.91
C GLU D 174 34.32 -28.74 -14.57
N THR D 175 34.51 -28.83 -15.89
CA THR D 175 34.30 -30.10 -16.59
C THR D 175 35.35 -31.13 -16.18
N ARG D 176 36.60 -30.71 -16.05
CA ARG D 176 37.66 -31.64 -15.66
C ARG D 176 37.47 -32.14 -14.22
N ALA D 177 37.01 -31.26 -13.33
CA ALA D 177 36.80 -31.65 -11.94
C ALA D 177 35.73 -32.74 -11.83
N GLN D 178 34.64 -32.60 -12.59
CA GLN D 178 33.59 -33.61 -12.57
C GLN D 178 34.01 -34.91 -13.23
N LEU D 179 35.00 -34.87 -14.10
CA LEU D 179 35.49 -36.06 -14.80
C LEU D 179 36.64 -36.75 -14.08
N LEU D 180 37.02 -36.25 -12.89
CA LEU D 180 38.11 -36.88 -12.15
C LEU D 180 37.74 -38.27 -11.66
N ASP D 181 36.45 -38.54 -11.48
CA ASP D 181 36.03 -39.86 -11.01
C ASP D 181 36.13 -40.91 -12.11
N SER D 182 36.02 -40.51 -13.37
CA SER D 182 36.06 -41.42 -14.51
C SER D 182 37.32 -41.23 -15.35
N ASP D 183 38.41 -40.78 -14.73
CA ASP D 183 39.65 -40.57 -15.47
C ASP D 183 40.33 -41.88 -15.84
N GLY D 184 39.97 -42.98 -15.19
CA GLY D 184 40.60 -44.26 -15.47
C GLY D 184 40.13 -44.91 -16.75
N LEU D 185 38.99 -44.48 -17.29
CA LEU D 185 38.48 -45.08 -18.53
C LEU D 185 39.42 -44.80 -19.69
N LEU D 186 39.94 -43.58 -19.79
CA LEU D 186 40.84 -43.24 -20.88
C LEU D 186 42.22 -43.85 -20.67
N ARG D 187 42.66 -43.99 -19.41
CA ARG D 187 43.97 -44.56 -19.14
C ARG D 187 44.02 -46.03 -19.55
N CYS D 188 42.95 -46.78 -19.31
CA CYS D 188 42.92 -48.20 -19.63
C CYS D 188 42.63 -48.47 -21.10
N SER D 189 42.24 -47.46 -21.87
CA SER D 189 41.96 -47.66 -23.28
C SER D 189 43.24 -47.86 -24.06
N SER D 190 43.21 -48.80 -25.01
CA SER D 190 44.39 -49.06 -25.83
C SER D 190 44.71 -47.88 -26.74
N ASP D 191 43.69 -47.30 -27.37
CA ASP D 191 43.85 -46.16 -28.26
C ASP D 191 42.91 -45.06 -27.82
N PRO D 192 43.36 -44.18 -26.91
CA PRO D 192 42.48 -43.09 -26.45
C PRO D 192 42.05 -42.13 -27.55
N TYR D 193 42.84 -41.99 -28.61
CA TYR D 193 42.47 -41.08 -29.70
C TYR D 193 41.21 -41.56 -30.40
N ILE D 194 41.10 -42.87 -30.66
CA ILE D 194 39.92 -43.40 -31.32
C ILE D 194 38.71 -43.29 -30.41
N MET D 195 38.87 -43.61 -29.12
CA MET D 195 37.75 -43.55 -28.19
C MET D 195 37.25 -42.13 -28.01
N VAL D 196 38.16 -41.16 -27.91
CA VAL D 196 37.75 -39.77 -27.72
C VAL D 196 37.15 -39.18 -28.99
N ARG D 197 37.47 -39.74 -30.16
CA ARG D 197 36.89 -39.24 -31.40
C ARG D 197 35.42 -39.63 -31.53
N GLU D 198 35.10 -40.89 -31.20
CA GLU D 198 33.71 -41.33 -31.28
C GLU D 198 32.85 -40.65 -30.23
N ALA D 199 33.39 -40.44 -29.02
CA ALA D 199 32.64 -39.80 -27.96
C ALA D 199 32.29 -38.36 -28.31
N TYR D 200 33.24 -37.64 -28.91
CA TYR D 200 32.99 -36.25 -29.28
C TYR D 200 31.90 -36.15 -30.34
N PHE D 201 31.92 -37.05 -31.33
CA PHE D 201 30.90 -37.03 -32.38
C PHE D 201 29.54 -37.41 -31.85
N GLN D 202 29.49 -38.37 -30.91
CA GLN D 202 28.21 -38.80 -30.35
C GLN D 202 27.64 -37.78 -29.36
N ARG D 203 28.51 -37.10 -28.61
CA ARG D 203 28.02 -36.10 -27.66
C ARG D 203 27.37 -34.92 -28.37
N HIS D 204 27.98 -34.44 -29.45
CA HIS D 204 27.43 -33.31 -30.18
C HIS D 204 26.24 -33.74 -31.03
N ASP D 205 26.46 -34.68 -31.96
CA ASP D 205 25.42 -35.18 -32.85
C ASP D 205 24.75 -34.04 -33.61
N PHE D 206 23.45 -33.87 -33.39
CA PHE D 206 22.68 -32.81 -34.05
C PHE D 206 21.93 -31.95 -33.02
N ILE D 207 22.45 -31.90 -31.80
CA ILE D 207 21.82 -31.12 -30.74
C ILE D 207 22.82 -30.14 -30.14
#